data_4DAC
# 
_entry.id   4DAC 
# 
_audit_conform.dict_name       mmcif_pdbx.dic 
_audit_conform.dict_version    5.397 
_audit_conform.dict_location   http://mmcif.pdb.org/dictionaries/ascii/mmcif_pdbx.dic 
# 
loop_
_database_2.database_id 
_database_2.database_code 
_database_2.pdbx_database_accession 
_database_2.pdbx_DOI 
PDB   4DAC         pdb_00004dac 10.2210/pdb4dac/pdb 
RCSB  RCSB070080   ?            ?                   
WWPDB D_1000070080 ?            ?                   
# 
loop_
_pdbx_audit_revision_history.ordinal 
_pdbx_audit_revision_history.data_content_type 
_pdbx_audit_revision_history.major_revision 
_pdbx_audit_revision_history.minor_revision 
_pdbx_audit_revision_history.revision_date 
1 'Structure model' 1 0 2012-05-02 
2 'Structure model' 1 1 2012-06-13 
3 'Structure model' 1 2 2017-11-15 
4 'Structure model' 1 3 2024-10-30 
# 
_pdbx_audit_revision_details.ordinal             1 
_pdbx_audit_revision_details.revision_ordinal    1 
_pdbx_audit_revision_details.data_content_type   'Structure model' 
_pdbx_audit_revision_details.provider            repository 
_pdbx_audit_revision_details.type                'Initial release' 
_pdbx_audit_revision_details.description         ? 
_pdbx_audit_revision_details.details             ? 
# 
loop_
_pdbx_audit_revision_group.ordinal 
_pdbx_audit_revision_group.revision_ordinal 
_pdbx_audit_revision_group.data_content_type 
_pdbx_audit_revision_group.group 
1 2 'Structure model' 'Database references'    
2 3 'Structure model' 'Refinement description' 
3 4 'Structure model' 'Data collection'        
4 4 'Structure model' 'Database references'    
5 4 'Structure model' 'Derived calculations'   
6 4 'Structure model' 'Structure summary'      
# 
loop_
_pdbx_audit_revision_category.ordinal 
_pdbx_audit_revision_category.revision_ordinal 
_pdbx_audit_revision_category.data_content_type 
_pdbx_audit_revision_category.category 
1 3 'Structure model' software                  
2 4 'Structure model' chem_comp_atom            
3 4 'Structure model' chem_comp_bond            
4 4 'Structure model' database_2                
5 4 'Structure model' pdbx_entry_details        
6 4 'Structure model' pdbx_modification_feature 
7 4 'Structure model' struct_conn               
# 
loop_
_pdbx_audit_revision_item.ordinal 
_pdbx_audit_revision_item.revision_ordinal 
_pdbx_audit_revision_item.data_content_type 
_pdbx_audit_revision_item.item 
1  3 'Structure model' '_software.classification'            
2  3 'Structure model' '_software.contact_author'            
3  3 'Structure model' '_software.contact_author_email'      
4  3 'Structure model' '_software.date'                      
5  3 'Structure model' '_software.language'                  
6  3 'Structure model' '_software.location'                  
7  3 'Structure model' '_software.name'                      
8  3 'Structure model' '_software.type'                      
9  3 'Structure model' '_software.version'                   
10 4 'Structure model' '_database_2.pdbx_DOI'                
11 4 'Structure model' '_database_2.pdbx_database_accession' 
12 4 'Structure model' '_struct_conn.pdbx_leaving_atom_flag' 
# 
_pdbx_database_status.entry_id                        4DAC 
_pdbx_database_status.deposit_site                    RCSB 
_pdbx_database_status.process_site                    RCSB 
_pdbx_database_status.recvd_initial_deposition_date   2012-01-12 
_pdbx_database_status.status_code                     REL 
_pdbx_database_status.status_code_sf                  REL 
_pdbx_database_status.status_code_mr                  ? 
_pdbx_database_status.SG_entry                        ? 
_pdbx_database_status.status_code_cs                  ? 
_pdbx_database_status.methods_development_category    ? 
_pdbx_database_status.pdb_format_compatible           Y 
_pdbx_database_status.status_code_nmr_data            ? 
# 
loop_
_audit_author.name 
_audit_author.pdbx_ordinal 
'Lanci, C.J.'      1 
'MacDermaid, C.M.' 2 
'Saven, J.G.'      3 
# 
_citation.id                        primary 
_citation.title                     'Computational design of a protein crystal.' 
_citation.journal_abbrev            Proc.Natl.Acad.Sci.USA 
_citation.journal_volume            109 
_citation.page_first                7304 
_citation.page_last                 7309 
_citation.year                      2012 
_citation.journal_id_ASTM           PNASA6 
_citation.country                   US 
_citation.journal_id_ISSN           0027-8424 
_citation.journal_id_CSD            0040 
_citation.book_publisher            ? 
_citation.pdbx_database_id_PubMed   22538812 
_citation.pdbx_database_id_DOI      10.1073/pnas.1112595109 
# 
loop_
_citation_author.citation_id 
_citation_author.name 
_citation_author.ordinal 
_citation_author.identifier_ORCID 
primary 'Lanci, C.J.'      1 ? 
primary 'Macdermaid, C.M.' 2 ? 
primary 'Kang, S.G.'       3 ? 
primary 'Acharya, R.'      4 ? 
primary 'North, B.'        5 ? 
primary 'Yang, X.'         6 ? 
primary 'Qiu, X.J.'        7 ? 
primary 'Degrado, W.F.'    8 ? 
primary 'Saven, J.G.'      9 ? 
# 
loop_
_entity.id 
_entity.type 
_entity.src_method 
_entity.pdbx_description 
_entity.formula_weight 
_entity.pdbx_number_of_molecules 
_entity.pdbx_ec 
_entity.pdbx_mutation 
_entity.pdbx_fragment 
_entity.details 
1 polymer syn 'Computationally designed crystal forming protein P6d' 3016.514 4  ? ? ? ? 
2 water   nat water                                                  18.015   48 ? ? ? ? 
# 
_entity_poly.entity_id                      1 
_entity_poly.type                           'polypeptide(L)' 
_entity_poly.nstd_linkage                   no 
_entity_poly.nstd_monomer                   yes 
_entity_poly.pdbx_seq_one_letter_code       '(ACE)EVYKLDANVKRLEKEVGKLEGEVARL(NH2)' 
_entity_poly.pdbx_seq_one_letter_code_can   XEVYKLDANVKRLEKEVGKLEGEVARLX 
_entity_poly.pdbx_strand_id                 A,B,C,D 
_entity_poly.pdbx_target_identifier         ? 
# 
_pdbx_entity_nonpoly.entity_id   2 
_pdbx_entity_nonpoly.name        water 
_pdbx_entity_nonpoly.comp_id     HOH 
# 
loop_
_entity_poly_seq.entity_id 
_entity_poly_seq.num 
_entity_poly_seq.mon_id 
_entity_poly_seq.hetero 
1 1  ACE n 
1 2  GLU n 
1 3  VAL n 
1 4  TYR n 
1 5  LYS n 
1 6  LEU n 
1 7  ASP n 
1 8  ALA n 
1 9  ASN n 
1 10 VAL n 
1 11 LYS n 
1 12 ARG n 
1 13 LEU n 
1 14 GLU n 
1 15 LYS n 
1 16 GLU n 
1 17 VAL n 
1 18 GLY n 
1 19 LYS n 
1 20 LEU n 
1 21 GLU n 
1 22 GLY n 
1 23 GLU n 
1 24 VAL n 
1 25 ALA n 
1 26 ARG n 
1 27 LEU n 
1 28 NH2 n 
# 
loop_
_chem_comp.id 
_chem_comp.type 
_chem_comp.mon_nstd_flag 
_chem_comp.name 
_chem_comp.pdbx_synonyms 
_chem_comp.formula 
_chem_comp.formula_weight 
ACE non-polymer         . 'ACETYL GROUP'  ? 'C2 H4 O'        44.053  
ALA 'L-peptide linking' y ALANINE         ? 'C3 H7 N O2'     89.093  
ARG 'L-peptide linking' y ARGININE        ? 'C6 H15 N4 O2 1' 175.209 
ASN 'L-peptide linking' y ASPARAGINE      ? 'C4 H8 N2 O3'    132.118 
ASP 'L-peptide linking' y 'ASPARTIC ACID' ? 'C4 H7 N O4'     133.103 
GLU 'L-peptide linking' y 'GLUTAMIC ACID' ? 'C5 H9 N O4'     147.129 
GLY 'peptide linking'   y GLYCINE         ? 'C2 H5 N O2'     75.067  
HOH non-polymer         . WATER           ? 'H2 O'           18.015  
LEU 'L-peptide linking' y LEUCINE         ? 'C6 H13 N O2'    131.173 
LYS 'L-peptide linking' y LYSINE          ? 'C6 H15 N2 O2 1' 147.195 
NH2 non-polymer         . 'AMINO GROUP'   ? 'H2 N'           16.023  
TYR 'L-peptide linking' y TYROSINE        ? 'C9 H11 N O3'    181.189 
VAL 'L-peptide linking' y VALINE          ? 'C5 H11 N O2'    117.146 
# 
loop_
_pdbx_poly_seq_scheme.asym_id 
_pdbx_poly_seq_scheme.entity_id 
_pdbx_poly_seq_scheme.seq_id 
_pdbx_poly_seq_scheme.mon_id 
_pdbx_poly_seq_scheme.ndb_seq_num 
_pdbx_poly_seq_scheme.pdb_seq_num 
_pdbx_poly_seq_scheme.auth_seq_num 
_pdbx_poly_seq_scheme.pdb_mon_id 
_pdbx_poly_seq_scheme.auth_mon_id 
_pdbx_poly_seq_scheme.pdb_strand_id 
_pdbx_poly_seq_scheme.pdb_ins_code 
_pdbx_poly_seq_scheme.hetero 
A 1 1  ACE 1  0  0  ACE ACE A . n 
A 1 2  GLU 2  1  1  GLU GLU A . n 
A 1 3  VAL 3  2  2  VAL VAL A . n 
A 1 4  TYR 4  3  3  TYR TYR A . n 
A 1 5  LYS 5  4  4  LYS LYS A . n 
A 1 6  LEU 6  5  5  LEU LEU A . n 
A 1 7  ASP 7  6  6  ASP ASP A . n 
A 1 8  ALA 8  7  7  ALA ALA A . n 
A 1 9  ASN 9  8  8  ASN ASN A . n 
A 1 10 VAL 10 9  9  VAL VAL A . n 
A 1 11 LYS 11 10 10 LYS LYS A . n 
A 1 12 ARG 12 11 11 ARG ARG A . n 
A 1 13 LEU 13 12 12 LEU LEU A . n 
A 1 14 GLU 14 13 13 GLU GLU A . n 
A 1 15 LYS 15 14 14 LYS LYS A . n 
A 1 16 GLU 16 15 15 GLU GLU A . n 
A 1 17 VAL 17 16 16 VAL VAL A . n 
A 1 18 GLY 18 17 17 GLY GLY A . n 
A 1 19 LYS 19 18 18 LYS LYS A . n 
A 1 20 LEU 20 19 19 LEU LEU A . n 
A 1 21 GLU 21 20 20 GLU GLU A . n 
A 1 22 GLY 22 21 21 GLY GLY A . n 
A 1 23 GLU 23 22 22 GLU GLU A . n 
A 1 24 VAL 24 23 23 VAL VAL A . n 
A 1 25 ALA 25 24 24 ALA ALA A . n 
A 1 26 ARG 26 25 25 ARG ARG A . n 
A 1 27 LEU 27 26 26 LEU LEU A . n 
A 1 28 NH2 28 27 27 NH2 NH2 A . n 
B 1 1  ACE 1  0  0  ACE ACE B . n 
B 1 2  GLU 2  1  1  GLU GLU B . n 
B 1 3  VAL 3  2  2  VAL VAL B . n 
B 1 4  TYR 4  3  3  TYR TYR B . n 
B 1 5  LYS 5  4  4  LYS LYS B . n 
B 1 6  LEU 6  5  5  LEU LEU B . n 
B 1 7  ASP 7  6  6  ASP ASP B . n 
B 1 8  ALA 8  7  7  ALA ALA B . n 
B 1 9  ASN 9  8  8  ASN ASN B . n 
B 1 10 VAL 10 9  9  VAL VAL B . n 
B 1 11 LYS 11 10 10 LYS LYS B . n 
B 1 12 ARG 12 11 11 ARG ARG B . n 
B 1 13 LEU 13 12 12 LEU LEU B . n 
B 1 14 GLU 14 13 13 GLU GLU B . n 
B 1 15 LYS 15 14 14 LYS LYS B . n 
B 1 16 GLU 16 15 15 GLU GLU B . n 
B 1 17 VAL 17 16 16 VAL VAL B . n 
B 1 18 GLY 18 17 17 GLY GLY B . n 
B 1 19 LYS 19 18 18 LYS LYS B . n 
B 1 20 LEU 20 19 19 LEU LEU B . n 
B 1 21 GLU 21 20 20 GLU GLU B . n 
B 1 22 GLY 22 21 21 GLY GLY B . n 
B 1 23 GLU 23 22 22 GLU GLU B . n 
B 1 24 VAL 24 23 23 VAL VAL B . n 
B 1 25 ALA 25 24 24 ALA ALA B . n 
B 1 26 ARG 26 25 25 ARG ARG B . n 
B 1 27 LEU 27 26 26 LEU LEU B . n 
B 1 28 NH2 28 27 27 NH2 NH2 B . n 
C 1 1  ACE 1  0  0  ACE ACE C . n 
C 1 2  GLU 2  1  1  GLU GLU C . n 
C 1 3  VAL 3  2  2  VAL VAL C . n 
C 1 4  TYR 4  3  3  TYR TYR C . n 
C 1 5  LYS 5  4  4  LYS LYS C . n 
C 1 6  LEU 6  5  5  LEU LEU C . n 
C 1 7  ASP 7  6  6  ASP ASP C . n 
C 1 8  ALA 8  7  7  ALA ALA C . n 
C 1 9  ASN 9  8  8  ASN ASN C . n 
C 1 10 VAL 10 9  9  VAL VAL C . n 
C 1 11 LYS 11 10 10 LYS LYS C . n 
C 1 12 ARG 12 11 11 ARG ARG C . n 
C 1 13 LEU 13 12 12 LEU LEU C . n 
C 1 14 GLU 14 13 13 GLU GLU C . n 
C 1 15 LYS 15 14 14 LYS LYS C . n 
C 1 16 GLU 16 15 15 GLU GLU C . n 
C 1 17 VAL 17 16 16 VAL VAL C . n 
C 1 18 GLY 18 17 17 GLY GLY C . n 
C 1 19 LYS 19 18 18 LYS LYS C . n 
C 1 20 LEU 20 19 19 LEU LEU C . n 
C 1 21 GLU 21 20 20 GLU GLU C . n 
C 1 22 GLY 22 21 21 GLY GLY C . n 
C 1 23 GLU 23 22 22 GLU GLU C . n 
C 1 24 VAL 24 23 23 VAL VAL C . n 
C 1 25 ALA 25 24 24 ALA ALA C . n 
C 1 26 ARG 26 25 25 ARG ARG C . n 
C 1 27 LEU 27 26 26 LEU LEU C . n 
C 1 28 NH2 28 27 27 NH2 NH2 C . n 
D 1 1  ACE 1  0  0  ACE ACE D . n 
D 1 2  GLU 2  1  1  GLU GLU D . n 
D 1 3  VAL 3  2  2  VAL VAL D . n 
D 1 4  TYR 4  3  3  TYR TYR D . n 
D 1 5  LYS 5  4  4  LYS LYS D . n 
D 1 6  LEU 6  5  5  LEU LEU D . n 
D 1 7  ASP 7  6  6  ASP ASP D . n 
D 1 8  ALA 8  7  7  ALA ALA D . n 
D 1 9  ASN 9  8  8  ASN ASN D . n 
D 1 10 VAL 10 9  9  VAL VAL D . n 
D 1 11 LYS 11 10 10 LYS LYS D . n 
D 1 12 ARG 12 11 11 ARG ARG D . n 
D 1 13 LEU 13 12 12 LEU LEU D . n 
D 1 14 GLU 14 13 13 GLU GLU D . n 
D 1 15 LYS 15 14 14 LYS LYS D . n 
D 1 16 GLU 16 15 15 GLU GLU D . n 
D 1 17 VAL 17 16 16 VAL VAL D . n 
D 1 18 GLY 18 17 17 GLY GLY D . n 
D 1 19 LYS 19 18 18 LYS LYS D . n 
D 1 20 LEU 20 19 19 LEU LEU D . n 
D 1 21 GLU 21 20 20 GLU GLU D . n 
D 1 22 GLY 22 21 21 GLY GLY D . n 
D 1 23 GLU 23 22 22 GLU GLU D . n 
D 1 24 VAL 24 23 23 VAL VAL D . n 
D 1 25 ALA 25 24 24 ALA ALA D . n 
D 1 26 ARG 26 25 25 ARG ARG D . n 
D 1 27 LEU 27 26 26 LEU LEU D . n 
D 1 28 NH2 28 27 27 NH2 NH2 D . n 
# 
loop_
_pdbx_nonpoly_scheme.asym_id 
_pdbx_nonpoly_scheme.entity_id 
_pdbx_nonpoly_scheme.mon_id 
_pdbx_nonpoly_scheme.ndb_seq_num 
_pdbx_nonpoly_scheme.pdb_seq_num 
_pdbx_nonpoly_scheme.auth_seq_num 
_pdbx_nonpoly_scheme.pdb_mon_id 
_pdbx_nonpoly_scheme.auth_mon_id 
_pdbx_nonpoly_scheme.pdb_strand_id 
_pdbx_nonpoly_scheme.pdb_ins_code 
E 2 HOH 1  101 9  HOH HOH A . 
E 2 HOH 2  102 15 HOH HOH A . 
E 2 HOH 3  103 22 HOH HOH A . 
E 2 HOH 4  104 24 HOH HOH A . 
E 2 HOH 5  105 25 HOH HOH A . 
E 2 HOH 6  106 28 HOH HOH A . 
E 2 HOH 7  107 31 HOH HOH A . 
E 2 HOH 8  108 39 HOH HOH A . 
E 2 HOH 9  109 40 HOH HOH A . 
F 2 HOH 1  101 27 HOH HOH B . 
F 2 HOH 2  102 29 HOH HOH B . 
F 2 HOH 3  103 30 HOH HOH B . 
F 2 HOH 4  104 32 HOH HOH B . 
F 2 HOH 5  105 33 HOH HOH B . 
F 2 HOH 6  106 34 HOH HOH B . 
F 2 HOH 7  107 41 HOH HOH B . 
F 2 HOH 8  108 42 HOH HOH B . 
F 2 HOH 9  109 43 HOH HOH B . 
F 2 HOH 10 110 44 HOH HOH B . 
F 2 HOH 11 111 46 HOH HOH B . 
G 2 HOH 1  101 1  HOH HOH C . 
G 2 HOH 2  102 2  HOH HOH C . 
G 2 HOH 3  103 8  HOH HOH C . 
G 2 HOH 4  104 10 HOH HOH C . 
G 2 HOH 5  105 11 HOH HOH C . 
G 2 HOH 6  106 12 HOH HOH C . 
G 2 HOH 7  107 13 HOH HOH C . 
G 2 HOH 8  108 14 HOH HOH C . 
G 2 HOH 9  109 20 HOH HOH C . 
G 2 HOH 10 110 21 HOH HOH C . 
G 2 HOH 11 111 23 HOH HOH C . 
G 2 HOH 12 112 26 HOH HOH C . 
G 2 HOH 13 113 35 HOH HOH C . 
G 2 HOH 14 114 36 HOH HOH C . 
G 2 HOH 15 115 38 HOH HOH C . 
G 2 HOH 16 116 45 HOH HOH C . 
G 2 HOH 17 117 47 HOH HOH C . 
G 2 HOH 18 118 48 HOH HOH C . 
H 2 HOH 1  101 3  HOH HOH D . 
H 2 HOH 2  102 4  HOH HOH D . 
H 2 HOH 3  103 5  HOH HOH D . 
H 2 HOH 4  104 6  HOH HOH D . 
H 2 HOH 5  105 7  HOH HOH D . 
H 2 HOH 6  106 16 HOH HOH D . 
H 2 HOH 7  107 17 HOH HOH D . 
H 2 HOH 8  108 18 HOH HOH D . 
H 2 HOH 9  109 19 HOH HOH D . 
H 2 HOH 10 110 37 HOH HOH D . 
# 
loop_
_pdbx_unobs_or_zero_occ_atoms.id 
_pdbx_unobs_or_zero_occ_atoms.PDB_model_num 
_pdbx_unobs_or_zero_occ_atoms.polymer_flag 
_pdbx_unobs_or_zero_occ_atoms.occupancy_flag 
_pdbx_unobs_or_zero_occ_atoms.auth_asym_id 
_pdbx_unobs_or_zero_occ_atoms.auth_comp_id 
_pdbx_unobs_or_zero_occ_atoms.auth_seq_id 
_pdbx_unobs_or_zero_occ_atoms.PDB_ins_code 
_pdbx_unobs_or_zero_occ_atoms.auth_atom_id 
_pdbx_unobs_or_zero_occ_atoms.label_alt_id 
_pdbx_unobs_or_zero_occ_atoms.label_asym_id 
_pdbx_unobs_or_zero_occ_atoms.label_comp_id 
_pdbx_unobs_or_zero_occ_atoms.label_seq_id 
_pdbx_unobs_or_zero_occ_atoms.label_atom_id 
1  1 Y 1 A ARG 11 ? CG  ? A ARG 12 CG  
2  1 Y 1 A ARG 11 ? CD  ? A ARG 12 CD  
3  1 Y 1 A ARG 11 ? NE  ? A ARG 12 NE  
4  1 Y 1 A ARG 11 ? CZ  ? A ARG 12 CZ  
5  1 Y 1 A ARG 11 ? NH1 ? A ARG 12 NH1 
6  1 Y 1 A ARG 11 ? NH2 ? A ARG 12 NH2 
7  1 Y 1 A ARG 25 ? CG  ? A ARG 26 CG  
8  1 Y 1 A ARG 25 ? CD  ? A ARG 26 CD  
9  1 Y 1 A ARG 25 ? NE  ? A ARG 26 NE  
10 1 Y 1 A ARG 25 ? CZ  ? A ARG 26 CZ  
11 1 Y 1 A ARG 25 ? NH1 ? A ARG 26 NH1 
12 1 Y 1 A ARG 25 ? NH2 ? A ARG 26 NH2 
13 1 Y 1 B LYS 4  ? CG  ? B LYS 5  CG  
14 1 Y 1 B LYS 4  ? CD  ? B LYS 5  CD  
15 1 Y 1 B LYS 4  ? CE  ? B LYS 5  CE  
16 1 Y 1 B LYS 4  ? NZ  ? B LYS 5  NZ  
17 1 Y 1 B ARG 11 ? CG  ? B ARG 12 CG  
18 1 Y 1 B ARG 11 ? CD  ? B ARG 12 CD  
19 1 Y 1 B ARG 11 ? NE  ? B ARG 12 NE  
20 1 Y 1 B ARG 11 ? CZ  ? B ARG 12 CZ  
21 1 Y 1 B ARG 11 ? NH1 ? B ARG 12 NH1 
22 1 Y 1 B ARG 11 ? NH2 ? B ARG 12 NH2 
23 1 Y 1 C GLU 1  ? CG  ? C GLU 2  CG  
24 1 Y 1 C GLU 1  ? CD  ? C GLU 2  CD  
25 1 Y 1 C GLU 1  ? OE1 ? C GLU 2  OE1 
26 1 Y 1 C GLU 1  ? OE2 ? C GLU 2  OE2 
27 1 Y 1 C ARG 11 ? CG  ? C ARG 12 CG  
28 1 Y 1 C ARG 11 ? CD  ? C ARG 12 CD  
29 1 Y 1 C ARG 11 ? NE  ? C ARG 12 NE  
30 1 Y 1 C ARG 11 ? CZ  ? C ARG 12 CZ  
31 1 Y 1 C ARG 11 ? NH1 ? C ARG 12 NH1 
32 1 Y 1 C ARG 11 ? NH2 ? C ARG 12 NH2 
33 1 Y 1 D ARG 11 ? CG  ? D ARG 12 CG  
34 1 Y 1 D ARG 11 ? CD  ? D ARG 12 CD  
35 1 Y 1 D ARG 11 ? NE  ? D ARG 12 NE  
36 1 Y 1 D ARG 11 ? CZ  ? D ARG 12 CZ  
37 1 Y 1 D ARG 11 ? NH1 ? D ARG 12 NH1 
38 1 Y 1 D ARG 11 ? NH2 ? D ARG 12 NH2 
# 
loop_
_software.pdbx_ordinal 
_software.name 
_software.version 
_software.date 
_software.type 
_software.contact_author 
_software.contact_author_email 
_software.classification 
_software.location 
_software.language 
_software.citation_id 
1 DENZO       .     ?                          package 'Zbyszek Otwinowski' hkl@hkl-xray.com            'data reduction'  
http://www.hkl-xray.com/                    ?          ? 
2 SCALEPACK   .     ?                          package 'Zbyszek Otwinowski' hkl@hkl-xray.com            'data scaling'    
http://www.hkl-xray.com/                    ?          ? 
3 PHASER      2.1.4 'Thu Nov 13 11:40:59 2008' program 'Randy J. Read'      cimr-phaser@lists.cam.ac.uk phasing           
http://www-structmed.cimr.cam.ac.uk/phaser/ ?          ? 
4 CNS         1.2   ?                          package 'Axel T. Brunger'    axel.brunger@yale.edu       refinement        
http://cns-online.org/                      Fortran_77 ? 
5 PDB_EXTRACT 3.10  'June 10, 2010'            package PDB                  deposit@deposit.rcsb.org    'data extraction' 
http://sw-tools.pdb.org/apps/PDB_EXTRACT/   C++        ? 
6 HKL-2000    .     ?                          ?       ?                    ?                           'data collection' ? ? ? 
7 HKL-2000    .     ?                          ?       ?                    ?                           'data reduction'  ? ? ? 
# 
_cell.length_a           63.669 
_cell.length_b           63.669 
_cell.length_c           40.401 
_cell.angle_alpha        90.000 
_cell.angle_beta         90.000 
_cell.angle_gamma        120.000 
_cell.entry_id           4DAC 
_cell.pdbx_unique_axis   ? 
_cell.Z_PDB              24 
_cell.length_a_esd       ? 
_cell.length_b_esd       ? 
_cell.length_c_esd       ? 
_cell.angle_alpha_esd    ? 
_cell.angle_beta_esd     ? 
_cell.angle_gamma_esd    ? 
# 
_symmetry.space_group_name_H-M             'P 6' 
_symmetry.entry_id                         4DAC 
_symmetry.Int_Tables_number                168 
_symmetry.pdbx_full_space_group_name_H-M   ? 
_symmetry.cell_setting                     ? 
_symmetry.space_group_name_Hall            ? 
# 
_exptl.crystals_number   1 
_exptl.entry_id          4DAC 
_exptl.method            'X-RAY DIFFRACTION' 
# 
_exptl_crystal.id                    1 
_exptl_crystal.density_Matthews      1.96 
_exptl_crystal.density_meas          ? 
_exptl_crystal.density_percent_sol   37.22 
_exptl_crystal.description           ? 
_exptl_crystal.F_000                 ? 
_exptl_crystal.preparation           ? 
# 
_exptl_crystal_grow.crystal_id      1 
_exptl_crystal_grow.method          'VAPOR DIFFUSION, HANGING DROP' 
_exptl_crystal_grow.pH              5.6 
_exptl_crystal_grow.temp            298 
_exptl_crystal_grow.temp_details    ? 
_exptl_crystal_grow.pdbx_details    
;0.17M ammonium acetate, 0.085 tri-sodium citrate dihydrate, 25.5% v/v PEG 4000, 15% glycerol, pH 5.6, VAPOR DIFFUSION, HANGING DROP, temperature 298K
;
_exptl_crystal_grow.pdbx_pH_range   ? 
# 
_diffrn.id                     1 
_diffrn.ambient_temp           ? 
_diffrn.ambient_temp_details   ? 
_diffrn.crystal_id             1 
# 
_diffrn_detector.diffrn_id              1 
_diffrn_detector.detector               'IMAGE PLATE' 
_diffrn_detector.type                   'RIGAKU RAXIS IV++' 
_diffrn_detector.pdbx_collection_date   2009-02-04 
_diffrn_detector.details                ? 
# 
_diffrn_radiation.diffrn_id                        1 
_diffrn_radiation.wavelength_id                    1 
_diffrn_radiation.pdbx_diffrn_protocol             'SINGLE WAVELENGTH' 
_diffrn_radiation.monochromator                    ? 
_diffrn_radiation.pdbx_monochromatic_or_laue_m_l   M 
_diffrn_radiation.pdbx_scattering_type             x-ray 
# 
_diffrn_radiation_wavelength.id           1 
_diffrn_radiation_wavelength.wavelength   1.54178 
_diffrn_radiation_wavelength.wt           1.0 
# 
_diffrn_source.diffrn_id                   1 
_diffrn_source.source                      'ROTATING ANODE' 
_diffrn_source.type                        RIGAKU 
_diffrn_source.pdbx_wavelength             ? 
_diffrn_source.pdbx_wavelength_list        1.54178 
_diffrn_source.pdbx_synchrotron_site       ? 
_diffrn_source.pdbx_synchrotron_beamline   ? 
# 
_reflns.entry_id                     4DAC 
_reflns.d_resolution_high            2.070 
_reflns.d_resolution_low             50.000 
_reflns.number_obs                   5713 
_reflns.pdbx_Rmerge_I_obs            0.166 
_reflns.pdbx_netI_over_sigmaI        8.700 
_reflns.pdbx_chi_squared             1.077 
_reflns.pdbx_redundancy              8.400 
_reflns.percent_possible_obs         98.600 
_reflns.observed_criterion_sigma_F   ? 
_reflns.observed_criterion_sigma_I   ? 
_reflns.number_all                   ? 
_reflns.pdbx_Rsym_value              ? 
_reflns.B_iso_Wilson_estimate        ? 
_reflns.R_free_details               ? 
_reflns.limit_h_max                  ? 
_reflns.limit_h_min                  ? 
_reflns.limit_k_max                  ? 
_reflns.limit_k_min                  ? 
_reflns.limit_l_max                  ? 
_reflns.limit_l_min                  ? 
_reflns.observed_criterion_F_max     ? 
_reflns.observed_criterion_F_min     ? 
_reflns.pdbx_scaling_rejects         ? 
_reflns.pdbx_ordinal                 1 
_reflns.pdbx_diffrn_id               1 
# 
loop_
_reflns_shell.d_res_high 
_reflns_shell.d_res_low 
_reflns_shell.number_measured_obs 
_reflns_shell.number_measured_all 
_reflns_shell.number_unique_obs 
_reflns_shell.Rmerge_I_obs 
_reflns_shell.meanI_over_sigI_obs 
_reflns_shell.pdbx_Rsym_value 
_reflns_shell.pdbx_chi_squared 
_reflns_shell.pdbx_redundancy 
_reflns_shell.percent_possible_obs 
_reflns_shell.number_unique_all 
_reflns_shell.percent_possible_all 
_reflns_shell.pdbx_ordinal 
_reflns_shell.pdbx_diffrn_id 
2.070 2.110  ? ? ? 0.277 ? ? 1.003 8.300 ? 275 96.200  1  1 
2.110 2.140  ? ? ? 0.257 ? ? 1.058 8.400 ? 280 96.600  2  1 
2.140 2.190  ? ? ? 0.236 ? ? 1.035 8.400 ? 285 100.000 3  1 
2.190 2.230  ? ? ? 0.209 ? ? 1.216 8.300 ? 267 96.400  4  1 
2.230 2.280  ? ? ? 0.212 ? ? 1.095 8.300 ? 299 98.000  5  1 
2.280 2.330  ? ? ? 0.199 ? ? 1.013 8.400 ? 280 100.000 6  1 
2.330 2.390  ? ? ? 0.213 ? ? 1.052 8.400 ? 274 96.100  7  1 
2.390 2.450  ? ? ? 0.200 ? ? 1.044 8.300 ? 283 100.000 8  1 
2.450 2.530  ? ? ? 0.198 ? ? 1.020 8.400 ? 285 96.900  9  1 
2.530 2.610  ? ? ? 0.188 ? ? 1.038 8.500 ? 278 100.000 10 1 
2.610 2.700  ? ? ? 0.181 ? ? 1.025 8.400 ? 291 98.000  11 1 
2.700 2.810  ? ? ? 0.171 ? ? 1.008 8.500 ? 274 100.000 12 1 
2.810 2.940  ? ? ? 0.160 ? ? 0.988 8.400 ? 287 98.600  13 1 
2.940 3.090  ? ? ? 0.155 ? ? 1.066 8.500 ? 294 100.000 14 1 
3.090 3.290  ? ? ? 0.154 ? ? 1.054 8.500 ? 284 99.300  15 1 
3.290 3.540  ? ? ? 0.159 ? ? 1.089 8.400 ? 296 99.300  16 1 
3.540 3.900  ? ? ? 0.149 ? ? 1.096 8.500 ? 286 99.700  17 1 
3.900 4.460  ? ? ? 0.136 ? ? 1.153 8.400 ? 295 99.700  18 1 
4.460 5.620  ? ? ? 0.149 ? ? 1.131 8.400 ? 290 99.300  19 1 
5.620 50.000 ? ? ? 0.167 ? ? 1.367 7.800 ? 310 98.400  20 1 
# 
_refine.entry_id                                 4DAC 
_refine.ls_d_res_high                            2.1000 
_refine.ls_d_res_low                             9.9400 
_refine.pdbx_ls_sigma_F                          0.000 
_refine.pdbx_data_cutoff_high_absF               55917.0000 
_refine.pdbx_data_cutoff_low_absF                0.0000 
_refine.ls_percent_reflns_obs                    98.6000 
_refine.ls_number_reflns_obs                     5426 
_refine.ls_number_reflns_all                     ? 
_refine.pdbx_ls_cross_valid_method               THROUGHOUT 
_refine.pdbx_R_Free_selection_details            RANDOM 
_refine.details                                  'BULK SOLVENT MODEL USED' 
_refine.ls_R_factor_all                          ? 
_refine.ls_R_factor_obs                          ? 
_refine.ls_R_factor_R_work                       0.2180 
_refine.ls_wR_factor_R_work                      ? 
_refine.ls_R_factor_R_free                       0.2740 
_refine.ls_wR_factor_R_free                      ? 
_refine.ls_percent_reflns_R_free                 10.2000 
_refine.ls_number_reflns_R_free                  554 
_refine.ls_R_factor_R_free_error                 0.0120 
_refine.B_iso_mean                               18.3255 
_refine.solvent_model_param_bsol                 83.5616 
_refine.solvent_model_param_ksol                 0.4500 
_refine.pdbx_isotropic_thermal_model             RESTRAINED 
_refine.aniso_B[1][1]                            2.8300 
_refine.aniso_B[2][2]                            2.8300 
_refine.aniso_B[3][3]                            -5.6600 
_refine.aniso_B[1][2]                            0.0000 
_refine.aniso_B[1][3]                            0.0000 
_refine.aniso_B[2][3]                            0.0000 
_refine.correlation_coeff_Fo_to_Fc               ? 
_refine.correlation_coeff_Fo_to_Fc_free          ? 
_refine.overall_SU_R_Cruickshank_DPI             ? 
_refine.overall_SU_R_free                        ? 
_refine.pdbx_overall_ESU_R                       ? 
_refine.pdbx_overall_ESU_R_Free                  ? 
_refine.overall_SU_ML                            ? 
_refine.overall_SU_B                             ? 
_refine.solvent_model_details                    'FLAT MODEL' 
_refine.pdbx_solvent_vdw_probe_radii             ? 
_refine.pdbx_solvent_ion_probe_radii             ? 
_refine.pdbx_solvent_shrinkage_radii             ? 
_refine.ls_number_parameters                     ? 
_refine.ls_number_restraints                     ? 
_refine.pdbx_starting_model                      ? 
_refine.pdbx_method_to_determine_struct          'MOLECULAR REPLACEMENT' 
_refine.pdbx_stereochemistry_target_values       ? 
_refine.pdbx_stereochem_target_val_spec_case     ? 
_refine.overall_FOM_work_R_set                   ? 
_refine.B_iso_max                                43.760 
_refine.B_iso_min                                6.200 
_refine.pdbx_overall_phase_error                 ? 
_refine.occupancy_max                            1.000 
_refine.occupancy_min                            1.000 
_refine.pdbx_ls_sigma_I                          ? 
_refine.ls_redundancy_reflns_obs                 ? 
_refine.ls_R_factor_R_free_error_details         ? 
_refine.pdbx_data_cutoff_high_rms_absF           ? 
_refine.overall_FOM_free_R_set                   ? 
_refine.pdbx_diffrn_id                           1 
_refine.pdbx_refine_id                           'X-RAY DIFFRACTION' 
_refine.pdbx_TLS_residual_ADP_flag               ? 
_refine.pdbx_overall_SU_R_free_Cruickshank_DPI   ? 
_refine.pdbx_overall_SU_R_Blow_DPI               ? 
_refine.pdbx_overall_SU_R_free_Blow_DPI          ? 
# 
_refine_analyze.entry_id                        4DAC 
_refine_analyze.Luzzati_coordinate_error_obs    0.250 
_refine_analyze.Luzzati_sigma_a_obs             0.210 
_refine_analyze.Luzzati_d_res_low_obs           5.000 
_refine_analyze.Luzzati_coordinate_error_free   0.320 
_refine_analyze.Luzzati_sigma_a_free            0.230 
_refine_analyze.Luzzati_d_res_low_free          ? 
_refine_analyze.number_disordered_residues      ? 
_refine_analyze.occupancy_sum_non_hydrogen      ? 
_refine_analyze.occupancy_sum_hydrogen          ? 
_refine_analyze.pdbx_Luzzati_d_res_high_obs     ? 
_refine_analyze.pdbx_refine_id                  'X-RAY DIFFRACTION' 
# 
_refine_hist.pdbx_refine_id                   'X-RAY DIFFRACTION' 
_refine_hist.cycle_id                         LAST 
_refine_hist.pdbx_number_atoms_protein        814 
_refine_hist.pdbx_number_atoms_nucleic_acid   0 
_refine_hist.pdbx_number_atoms_ligand         0 
_refine_hist.number_atoms_solvent             48 
_refine_hist.number_atoms_total               862 
_refine_hist.d_res_high                       2.1000 
_refine_hist.d_res_low                        9.9400 
# 
loop_
_refine_ls_restr.type 
_refine_ls_restr.number 
_refine_ls_restr.dev_ideal 
_refine_ls_restr.dev_ideal_target 
_refine_ls_restr.weight 
_refine_ls_restr.pdbx_restraint_function 
_refine_ls_restr.pdbx_refine_id 
c_bond_d           ? 0.005  ?     ? ? 'X-RAY DIFFRACTION' 
c_angle_deg        ? 0.900  ?     ? ? 'X-RAY DIFFRACTION' 
c_dihedral_angle_d ? 14.600 ?     ? ? 'X-RAY DIFFRACTION' 
c_improper_angle_d ? 0.590  ?     ? ? 'X-RAY DIFFRACTION' 
c_mcbond_it        ? 1.000  1.500 ? ? 'X-RAY DIFFRACTION' 
c_mcangle_it       ? 1.500  2.000 ? ? 'X-RAY DIFFRACTION' 
c_scbond_it        ? 2.150  2.000 ? ? 'X-RAY DIFFRACTION' 
c_scangle_it       ? 3.350  2.500 ? ? 'X-RAY DIFFRACTION' 
# 
_refine_ls_shell.d_res_high                       2.1000 
_refine_ls_shell.d_res_low                        2.2300 
_refine_ls_shell.pdbx_total_number_of_bins_used   6 
_refine_ls_shell.percent_reflns_obs               97.2000 
_refine_ls_shell.number_reflns_R_work             774 
_refine_ls_shell.R_factor_all                     ? 
_refine_ls_shell.R_factor_R_work                  0.2530 
_refine_ls_shell.R_factor_R_free                  0.2700 
_refine_ls_shell.percent_reflns_R_free            11.7000 
_refine_ls_shell.number_reflns_R_free             103 
_refine_ls_shell.R_factor_R_free_error            0.0270 
_refine_ls_shell.number_reflns_all                877 
_refine_ls_shell.number_reflns_obs                ? 
_refine_ls_shell.redundancy_reflns_obs            ? 
_refine_ls_shell.pdbx_refine_id                   'X-RAY DIFFRACTION' 
# 
loop_
_pdbx_xplor_file.serial_no 
_pdbx_xplor_file.param_file 
_pdbx_xplor_file.topol_file 
_pdbx_xplor_file.pdbx_refine_id 
1 protein_rep.param protein.top 'X-RAY DIFFRACTION' 
2 capping.param     water.top   'X-RAY DIFFRACTION' 
3 water_rep.param   capping.top 'X-RAY DIFFRACTION' 
4 ligand.param      ligand.top  'X-RAY DIFFRACTION' 
# 
_struct.entry_id                  4DAC 
_struct.title                     'Crystal Structure of Computationally Designed Protein P6d' 
_struct.pdbx_model_details        ? 
_struct.pdbx_CASP_flag            ? 
_struct.pdbx_model_type_details   ? 
# 
_struct_keywords.entry_id        4DAC 
_struct_keywords.pdbx_keywords   'DE NOVO PROTEIN' 
_struct_keywords.text            
;alpha-helix, three-helix bundle, coiled-coil protein, de novo design, computational protein design, computationally designed protein, three helix coiled coil, acylated N-terminus, synthetic, DE NOVO PROTEIN
;
# 
loop_
_struct_asym.id 
_struct_asym.pdbx_blank_PDB_chainid_flag 
_struct_asym.pdbx_modified 
_struct_asym.entity_id 
_struct_asym.details 
A N N 1 ? 
B N N 1 ? 
C N N 1 ? 
D N N 1 ? 
E N N 2 ? 
F N N 2 ? 
G N N 2 ? 
H N N 2 ? 
# 
_struct_ref.id                         1 
_struct_ref.db_name                    PDB 
_struct_ref.db_code                    4DAC 
_struct_ref.pdbx_db_accession          4DAC 
_struct_ref.entity_id                  1 
_struct_ref.pdbx_align_begin           1 
_struct_ref.pdbx_seq_one_letter_code   EVYKLDANVKRLEKEVGKLEGEVARL 
_struct_ref.pdbx_db_isoform            ? 
# 
loop_
_struct_ref_seq.align_id 
_struct_ref_seq.ref_id 
_struct_ref_seq.pdbx_PDB_id_code 
_struct_ref_seq.pdbx_strand_id 
_struct_ref_seq.seq_align_beg 
_struct_ref_seq.pdbx_seq_align_beg_ins_code 
_struct_ref_seq.seq_align_end 
_struct_ref_seq.pdbx_seq_align_end_ins_code 
_struct_ref_seq.pdbx_db_accession 
_struct_ref_seq.db_align_beg 
_struct_ref_seq.pdbx_db_align_beg_ins_code 
_struct_ref_seq.db_align_end 
_struct_ref_seq.pdbx_db_align_end_ins_code 
_struct_ref_seq.pdbx_auth_seq_align_beg 
_struct_ref_seq.pdbx_auth_seq_align_end 
1 1 4DAC A 1 ? 28 ? 4DAC 0 ? 27 ? 0 27 
2 1 4DAC B 1 ? 28 ? 4DAC 0 ? 27 ? 0 27 
3 1 4DAC C 1 ? 28 ? 4DAC 0 ? 27 ? 0 27 
4 1 4DAC D 1 ? 28 ? 4DAC 0 ? 27 ? 0 27 
# 
loop_
_pdbx_struct_assembly.id 
_pdbx_struct_assembly.details 
_pdbx_struct_assembly.method_details 
_pdbx_struct_assembly.oligomeric_details 
_pdbx_struct_assembly.oligomeric_count 
1 author_defined_assembly   ?    monomeric 1 
2 author_defined_assembly   ?    monomeric 1 
3 author_defined_assembly   ?    monomeric 1 
4 author_defined_assembly   ?    monomeric 1 
5 software_defined_assembly PISA trimeric  3 
6 software_defined_assembly PISA trimeric  3 
# 
loop_
_pdbx_struct_assembly_prop.biol_id 
_pdbx_struct_assembly_prop.type 
_pdbx_struct_assembly_prop.value 
_pdbx_struct_assembly_prop.details 
5 'ABSA (A^2)' 3270 ? 
5 MORE         -28  ? 
5 'SSA (A^2)'  5740 ? 
6 'ABSA (A^2)' 3130 ? 
6 MORE         -28  ? 
6 'SSA (A^2)'  6190 ? 
# 
loop_
_pdbx_struct_assembly_gen.assembly_id 
_pdbx_struct_assembly_gen.oper_expression 
_pdbx_struct_assembly_gen.asym_id_list 
1 1     A,E         
2 1     B,F         
3 1     C,G         
4 1     D,H         
5 1     A,B,C,E,F,G 
6 1,2,3 D,H         
# 
loop_
_pdbx_struct_oper_list.id 
_pdbx_struct_oper_list.type 
_pdbx_struct_oper_list.name 
_pdbx_struct_oper_list.symmetry_operation 
_pdbx_struct_oper_list.matrix[1][1] 
_pdbx_struct_oper_list.matrix[1][2] 
_pdbx_struct_oper_list.matrix[1][3] 
_pdbx_struct_oper_list.vector[1] 
_pdbx_struct_oper_list.matrix[2][1] 
_pdbx_struct_oper_list.matrix[2][2] 
_pdbx_struct_oper_list.matrix[2][3] 
_pdbx_struct_oper_list.vector[2] 
_pdbx_struct_oper_list.matrix[3][1] 
_pdbx_struct_oper_list.matrix[3][2] 
_pdbx_struct_oper_list.matrix[3][3] 
_pdbx_struct_oper_list.vector[3] 
1 'identity operation'         1_555 x,y,z       1.0000000000  0.0000000000  0.0000000000  0.0000000000   0.0000000000  1.0000000000 0.0000000000 0.0000000000   0.0000000000  0.0000000000 1.0000000000  0.0000000000   
2 'crystal symmetry operation' 2_565 -y,x-y+1,z  -0.2234935125 -0.0118272836 -0.9746336569 -17.5684894843 -0.9299876706 0.3019842644 0.2095911177 -17.0027052770 0.2918451344  0.9532395394 -0.0784907519 9.2236457514   
3 'crystal symmetry operation' 3_455 -x+y-1,-x,z -0.2234935125 -0.9299876706 0.2918451344  -22.4306258319 -0.0118272836 0.3019842644 0.9532395394 -3.8655818897  -0.9746336569 0.2095911177 -0.0784907519 -12.8352542588 
# 
_struct_biol.id        1 
_struct_biol.details   ? 
# 
loop_
_struct_conf.conf_type_id 
_struct_conf.id 
_struct_conf.pdbx_PDB_helix_id 
_struct_conf.beg_label_comp_id 
_struct_conf.beg_label_asym_id 
_struct_conf.beg_label_seq_id 
_struct_conf.pdbx_beg_PDB_ins_code 
_struct_conf.end_label_comp_id 
_struct_conf.end_label_asym_id 
_struct_conf.end_label_seq_id 
_struct_conf.pdbx_end_PDB_ins_code 
_struct_conf.beg_auth_comp_id 
_struct_conf.beg_auth_asym_id 
_struct_conf.beg_auth_seq_id 
_struct_conf.end_auth_comp_id 
_struct_conf.end_auth_asym_id 
_struct_conf.end_auth_seq_id 
_struct_conf.pdbx_PDB_helix_class 
_struct_conf.details 
_struct_conf.pdbx_PDB_helix_length 
HELX_P HELX_P1 1 GLU A 2 ? VAL A 24 ? GLU A 1 VAL A 23 1 ? 23 
HELX_P HELX_P2 2 GLU B 2 ? ALA B 25 ? GLU B 1 ALA B 24 1 ? 24 
HELX_P HELX_P3 3 GLU C 2 ? ALA C 25 ? GLU C 1 ALA C 24 1 ? 24 
HELX_P HELX_P4 4 GLU D 2 ? LEU D 27 ? GLU D 1 LEU D 26 1 ? 26 
# 
_struct_conf_type.id          HELX_P 
_struct_conf_type.criteria    ? 
_struct_conf_type.reference   ? 
# 
loop_
_struct_conn.id 
_struct_conn.conn_type_id 
_struct_conn.pdbx_leaving_atom_flag 
_struct_conn.pdbx_PDB_id 
_struct_conn.ptnr1_label_asym_id 
_struct_conn.ptnr1_label_comp_id 
_struct_conn.ptnr1_label_seq_id 
_struct_conn.ptnr1_label_atom_id 
_struct_conn.pdbx_ptnr1_label_alt_id 
_struct_conn.pdbx_ptnr1_PDB_ins_code 
_struct_conn.pdbx_ptnr1_standard_comp_id 
_struct_conn.ptnr1_symmetry 
_struct_conn.ptnr2_label_asym_id 
_struct_conn.ptnr2_label_comp_id 
_struct_conn.ptnr2_label_seq_id 
_struct_conn.ptnr2_label_atom_id 
_struct_conn.pdbx_ptnr2_label_alt_id 
_struct_conn.pdbx_ptnr2_PDB_ins_code 
_struct_conn.ptnr1_auth_asym_id 
_struct_conn.ptnr1_auth_comp_id 
_struct_conn.ptnr1_auth_seq_id 
_struct_conn.ptnr2_auth_asym_id 
_struct_conn.ptnr2_auth_comp_id 
_struct_conn.ptnr2_auth_seq_id 
_struct_conn.ptnr2_symmetry 
_struct_conn.pdbx_ptnr3_label_atom_id 
_struct_conn.pdbx_ptnr3_label_seq_id 
_struct_conn.pdbx_ptnr3_label_comp_id 
_struct_conn.pdbx_ptnr3_label_asym_id 
_struct_conn.pdbx_ptnr3_label_alt_id 
_struct_conn.pdbx_ptnr3_PDB_ins_code 
_struct_conn.details 
_struct_conn.pdbx_dist_value 
_struct_conn.pdbx_value_order 
_struct_conn.pdbx_role 
covale1 covale both ? A ACE 1  C ? ? ? 1_555 A GLU 2  N ? ? A ACE 0  A GLU 1  1_555 ? ? ? ? ? ? ? 1.324 ? ? 
covale2 covale both ? A LEU 27 C ? ? ? 1_555 A NH2 28 N ? ? A LEU 26 A NH2 27 1_555 ? ? ? ? ? ? ? 1.326 ? ? 
covale3 covale both ? B ACE 1  C ? ? ? 1_555 B GLU 2  N ? ? B ACE 0  B GLU 1  1_555 ? ? ? ? ? ? ? 1.327 ? ? 
covale4 covale both ? B LEU 27 C ? ? ? 1_555 B NH2 28 N ? ? B LEU 26 B NH2 27 1_555 ? ? ? ? ? ? ? 1.331 ? ? 
covale5 covale both ? C ACE 1  C ? ? ? 1_555 C GLU 2  N ? ? C ACE 0  C GLU 1  1_555 ? ? ? ? ? ? ? 1.331 ? ? 
covale6 covale both ? C LEU 27 C ? ? ? 1_555 C NH2 28 N ? ? C LEU 26 C NH2 27 1_555 ? ? ? ? ? ? ? 1.325 ? ? 
covale7 covale both ? D ACE 1  C ? ? ? 1_555 D GLU 2  N ? ? D ACE 0  D GLU 1  1_555 ? ? ? ? ? ? ? 1.330 ? ? 
covale8 covale both ? D LEU 27 C ? ? ? 1_555 D NH2 28 N ? ? D LEU 26 D NH2 27 1_555 ? ? ? ? ? ? ? 1.325 ? ? 
# 
_struct_conn_type.id          covale 
_struct_conn_type.criteria    ? 
_struct_conn_type.reference   ? 
# 
loop_
_pdbx_modification_feature.ordinal 
_pdbx_modification_feature.label_comp_id 
_pdbx_modification_feature.label_asym_id 
_pdbx_modification_feature.label_seq_id 
_pdbx_modification_feature.label_alt_id 
_pdbx_modification_feature.modified_residue_label_comp_id 
_pdbx_modification_feature.modified_residue_label_asym_id 
_pdbx_modification_feature.modified_residue_label_seq_id 
_pdbx_modification_feature.modified_residue_label_alt_id 
_pdbx_modification_feature.auth_comp_id 
_pdbx_modification_feature.auth_asym_id 
_pdbx_modification_feature.auth_seq_id 
_pdbx_modification_feature.PDB_ins_code 
_pdbx_modification_feature.symmetry 
_pdbx_modification_feature.modified_residue_auth_comp_id 
_pdbx_modification_feature.modified_residue_auth_asym_id 
_pdbx_modification_feature.modified_residue_auth_seq_id 
_pdbx_modification_feature.modified_residue_PDB_ins_code 
_pdbx_modification_feature.modified_residue_symmetry 
_pdbx_modification_feature.comp_id_linking_atom 
_pdbx_modification_feature.modified_residue_id_linking_atom 
_pdbx_modification_feature.modified_residue_id 
_pdbx_modification_feature.ref_pcm_id 
_pdbx_modification_feature.ref_comp_id 
_pdbx_modification_feature.type 
_pdbx_modification_feature.category 
1 ACE A 1  ? GLU A 2  ? ACE A 0  ? 1_555 GLU A 1  ? 1_555 . . GLU 10 ACE None 'Terminal acetylation' 
2 ACE B 1  ? GLU B 2  ? ACE B 0  ? 1_555 GLU B 1  ? 1_555 . . GLU 10 ACE None 'Terminal acetylation' 
3 ACE C 1  ? GLU C 2  ? ACE C 0  ? 1_555 GLU C 1  ? 1_555 . . GLU 10 ACE None 'Terminal acetylation' 
4 ACE D 1  ? GLU D 2  ? ACE D 0  ? 1_555 GLU D 1  ? 1_555 . . GLU 10 ACE None 'Terminal acetylation' 
5 NH2 A 28 ? LEU A 27 ? NH2 A 27 ? 1_555 LEU A 26 ? 1_555 . . LEU 14 NH2 None 'Terminal amidation'   
6 NH2 B 28 ? LEU B 27 ? NH2 B 27 ? 1_555 LEU B 26 ? 1_555 . . LEU 14 NH2 None 'Terminal amidation'   
7 NH2 C 28 ? LEU C 27 ? NH2 C 27 ? 1_555 LEU C 26 ? 1_555 . . LEU 14 NH2 None 'Terminal amidation'   
8 NH2 D 28 ? LEU D 27 ? NH2 D 27 ? 1_555 LEU D 26 ? 1_555 . . LEU 14 NH2 None 'Terminal amidation'   
# 
_pdbx_entry_details.entry_id                   4DAC 
_pdbx_entry_details.compound_details           ? 
_pdbx_entry_details.source_details             ? 
_pdbx_entry_details.nonpolymer_details         ? 
_pdbx_entry_details.sequence_details           ? 
_pdbx_entry_details.has_ligand_of_interest     ? 
_pdbx_entry_details.has_protein_modification   Y 
# 
_pdbx_phasing_MR.entry_id                     4DAC 
_pdbx_phasing_MR.method_rotation              ? 
_pdbx_phasing_MR.method_translation           ? 
_pdbx_phasing_MR.model_details                'Phaser MODE: MR_AUTO' 
_pdbx_phasing_MR.R_factor                     60.320 
_pdbx_phasing_MR.R_rigid_body                 ? 
_pdbx_phasing_MR.correlation_coeff_Fo_to_Fc   ? 
_pdbx_phasing_MR.correlation_coeff_Io_to_Ic   ? 
_pdbx_phasing_MR.d_res_high_rotation          2.500 
_pdbx_phasing_MR.d_res_low_rotation           27.570 
_pdbx_phasing_MR.d_res_high_translation       2.500 
_pdbx_phasing_MR.d_res_low_translation        27.570 
_pdbx_phasing_MR.packing                      ? 
_pdbx_phasing_MR.reflns_percent_rotation      ? 
_pdbx_phasing_MR.reflns_percent_translation   ? 
_pdbx_phasing_MR.sigma_F_rotation             ? 
_pdbx_phasing_MR.sigma_F_translation          ? 
_pdbx_phasing_MR.sigma_I_rotation             ? 
_pdbx_phasing_MR.sigma_I_translation          ? 
# 
_phasing.method   MR 
# 
loop_
_chem_comp_atom.comp_id 
_chem_comp_atom.atom_id 
_chem_comp_atom.type_symbol 
_chem_comp_atom.pdbx_aromatic_flag 
_chem_comp_atom.pdbx_stereo_config 
_chem_comp_atom.pdbx_ordinal 
ACE C    C N N 1   
ACE O    O N N 2   
ACE CH3  C N N 3   
ACE H    H N N 4   
ACE H1   H N N 5   
ACE H2   H N N 6   
ACE H3   H N N 7   
ALA N    N N N 8   
ALA CA   C N S 9   
ALA C    C N N 10  
ALA O    O N N 11  
ALA CB   C N N 12  
ALA OXT  O N N 13  
ALA H    H N N 14  
ALA H2   H N N 15  
ALA HA   H N N 16  
ALA HB1  H N N 17  
ALA HB2  H N N 18  
ALA HB3  H N N 19  
ALA HXT  H N N 20  
ARG N    N N N 21  
ARG CA   C N S 22  
ARG C    C N N 23  
ARG O    O N N 24  
ARG CB   C N N 25  
ARG CG   C N N 26  
ARG CD   C N N 27  
ARG NE   N N N 28  
ARG CZ   C N N 29  
ARG NH1  N N N 30  
ARG NH2  N N N 31  
ARG OXT  O N N 32  
ARG H    H N N 33  
ARG H2   H N N 34  
ARG HA   H N N 35  
ARG HB2  H N N 36  
ARG HB3  H N N 37  
ARG HG2  H N N 38  
ARG HG3  H N N 39  
ARG HD2  H N N 40  
ARG HD3  H N N 41  
ARG HE   H N N 42  
ARG HH11 H N N 43  
ARG HH12 H N N 44  
ARG HH21 H N N 45  
ARG HH22 H N N 46  
ARG HXT  H N N 47  
ASN N    N N N 48  
ASN CA   C N S 49  
ASN C    C N N 50  
ASN O    O N N 51  
ASN CB   C N N 52  
ASN CG   C N N 53  
ASN OD1  O N N 54  
ASN ND2  N N N 55  
ASN OXT  O N N 56  
ASN H    H N N 57  
ASN H2   H N N 58  
ASN HA   H N N 59  
ASN HB2  H N N 60  
ASN HB3  H N N 61  
ASN HD21 H N N 62  
ASN HD22 H N N 63  
ASN HXT  H N N 64  
ASP N    N N N 65  
ASP CA   C N S 66  
ASP C    C N N 67  
ASP O    O N N 68  
ASP CB   C N N 69  
ASP CG   C N N 70  
ASP OD1  O N N 71  
ASP OD2  O N N 72  
ASP OXT  O N N 73  
ASP H    H N N 74  
ASP H2   H N N 75  
ASP HA   H N N 76  
ASP HB2  H N N 77  
ASP HB3  H N N 78  
ASP HD2  H N N 79  
ASP HXT  H N N 80  
GLU N    N N N 81  
GLU CA   C N S 82  
GLU C    C N N 83  
GLU O    O N N 84  
GLU CB   C N N 85  
GLU CG   C N N 86  
GLU CD   C N N 87  
GLU OE1  O N N 88  
GLU OE2  O N N 89  
GLU OXT  O N N 90  
GLU H    H N N 91  
GLU H2   H N N 92  
GLU HA   H N N 93  
GLU HB2  H N N 94  
GLU HB3  H N N 95  
GLU HG2  H N N 96  
GLU HG3  H N N 97  
GLU HE2  H N N 98  
GLU HXT  H N N 99  
GLY N    N N N 100 
GLY CA   C N N 101 
GLY C    C N N 102 
GLY O    O N N 103 
GLY OXT  O N N 104 
GLY H    H N N 105 
GLY H2   H N N 106 
GLY HA2  H N N 107 
GLY HA3  H N N 108 
GLY HXT  H N N 109 
HOH O    O N N 110 
HOH H1   H N N 111 
HOH H2   H N N 112 
LEU N    N N N 113 
LEU CA   C N S 114 
LEU C    C N N 115 
LEU O    O N N 116 
LEU CB   C N N 117 
LEU CG   C N N 118 
LEU CD1  C N N 119 
LEU CD2  C N N 120 
LEU OXT  O N N 121 
LEU H    H N N 122 
LEU H2   H N N 123 
LEU HA   H N N 124 
LEU HB2  H N N 125 
LEU HB3  H N N 126 
LEU HG   H N N 127 
LEU HD11 H N N 128 
LEU HD12 H N N 129 
LEU HD13 H N N 130 
LEU HD21 H N N 131 
LEU HD22 H N N 132 
LEU HD23 H N N 133 
LEU HXT  H N N 134 
LYS N    N N N 135 
LYS CA   C N S 136 
LYS C    C N N 137 
LYS O    O N N 138 
LYS CB   C N N 139 
LYS CG   C N N 140 
LYS CD   C N N 141 
LYS CE   C N N 142 
LYS NZ   N N N 143 
LYS OXT  O N N 144 
LYS H    H N N 145 
LYS H2   H N N 146 
LYS HA   H N N 147 
LYS HB2  H N N 148 
LYS HB3  H N N 149 
LYS HG2  H N N 150 
LYS HG3  H N N 151 
LYS HD2  H N N 152 
LYS HD3  H N N 153 
LYS HE2  H N N 154 
LYS HE3  H N N 155 
LYS HZ1  H N N 156 
LYS HZ2  H N N 157 
LYS HZ3  H N N 158 
LYS HXT  H N N 159 
NH2 N    N N N 160 
NH2 HN1  H N N 161 
NH2 HN2  H N N 162 
TYR N    N N N 163 
TYR CA   C N S 164 
TYR C    C N N 165 
TYR O    O N N 166 
TYR CB   C N N 167 
TYR CG   C Y N 168 
TYR CD1  C Y N 169 
TYR CD2  C Y N 170 
TYR CE1  C Y N 171 
TYR CE2  C Y N 172 
TYR CZ   C Y N 173 
TYR OH   O N N 174 
TYR OXT  O N N 175 
TYR H    H N N 176 
TYR H2   H N N 177 
TYR HA   H N N 178 
TYR HB2  H N N 179 
TYR HB3  H N N 180 
TYR HD1  H N N 181 
TYR HD2  H N N 182 
TYR HE1  H N N 183 
TYR HE2  H N N 184 
TYR HH   H N N 185 
TYR HXT  H N N 186 
VAL N    N N N 187 
VAL CA   C N S 188 
VAL C    C N N 189 
VAL O    O N N 190 
VAL CB   C N N 191 
VAL CG1  C N N 192 
VAL CG2  C N N 193 
VAL OXT  O N N 194 
VAL H    H N N 195 
VAL H2   H N N 196 
VAL HA   H N N 197 
VAL HB   H N N 198 
VAL HG11 H N N 199 
VAL HG12 H N N 200 
VAL HG13 H N N 201 
VAL HG21 H N N 202 
VAL HG22 H N N 203 
VAL HG23 H N N 204 
VAL HXT  H N N 205 
# 
loop_
_chem_comp_bond.comp_id 
_chem_comp_bond.atom_id_1 
_chem_comp_bond.atom_id_2 
_chem_comp_bond.value_order 
_chem_comp_bond.pdbx_aromatic_flag 
_chem_comp_bond.pdbx_stereo_config 
_chem_comp_bond.pdbx_ordinal 
ACE C   O    doub N N 1   
ACE C   CH3  sing N N 2   
ACE C   H    sing N N 3   
ACE CH3 H1   sing N N 4   
ACE CH3 H2   sing N N 5   
ACE CH3 H3   sing N N 6   
ALA N   CA   sing N N 7   
ALA N   H    sing N N 8   
ALA N   H2   sing N N 9   
ALA CA  C    sing N N 10  
ALA CA  CB   sing N N 11  
ALA CA  HA   sing N N 12  
ALA C   O    doub N N 13  
ALA C   OXT  sing N N 14  
ALA CB  HB1  sing N N 15  
ALA CB  HB2  sing N N 16  
ALA CB  HB3  sing N N 17  
ALA OXT HXT  sing N N 18  
ARG N   CA   sing N N 19  
ARG N   H    sing N N 20  
ARG N   H2   sing N N 21  
ARG CA  C    sing N N 22  
ARG CA  CB   sing N N 23  
ARG CA  HA   sing N N 24  
ARG C   O    doub N N 25  
ARG C   OXT  sing N N 26  
ARG CB  CG   sing N N 27  
ARG CB  HB2  sing N N 28  
ARG CB  HB3  sing N N 29  
ARG CG  CD   sing N N 30  
ARG CG  HG2  sing N N 31  
ARG CG  HG3  sing N N 32  
ARG CD  NE   sing N N 33  
ARG CD  HD2  sing N N 34  
ARG CD  HD3  sing N N 35  
ARG NE  CZ   sing N N 36  
ARG NE  HE   sing N N 37  
ARG CZ  NH1  sing N N 38  
ARG CZ  NH2  doub N N 39  
ARG NH1 HH11 sing N N 40  
ARG NH1 HH12 sing N N 41  
ARG NH2 HH21 sing N N 42  
ARG NH2 HH22 sing N N 43  
ARG OXT HXT  sing N N 44  
ASN N   CA   sing N N 45  
ASN N   H    sing N N 46  
ASN N   H2   sing N N 47  
ASN CA  C    sing N N 48  
ASN CA  CB   sing N N 49  
ASN CA  HA   sing N N 50  
ASN C   O    doub N N 51  
ASN C   OXT  sing N N 52  
ASN CB  CG   sing N N 53  
ASN CB  HB2  sing N N 54  
ASN CB  HB3  sing N N 55  
ASN CG  OD1  doub N N 56  
ASN CG  ND2  sing N N 57  
ASN ND2 HD21 sing N N 58  
ASN ND2 HD22 sing N N 59  
ASN OXT HXT  sing N N 60  
ASP N   CA   sing N N 61  
ASP N   H    sing N N 62  
ASP N   H2   sing N N 63  
ASP CA  C    sing N N 64  
ASP CA  CB   sing N N 65  
ASP CA  HA   sing N N 66  
ASP C   O    doub N N 67  
ASP C   OXT  sing N N 68  
ASP CB  CG   sing N N 69  
ASP CB  HB2  sing N N 70  
ASP CB  HB3  sing N N 71  
ASP CG  OD1  doub N N 72  
ASP CG  OD2  sing N N 73  
ASP OD2 HD2  sing N N 74  
ASP OXT HXT  sing N N 75  
GLU N   CA   sing N N 76  
GLU N   H    sing N N 77  
GLU N   H2   sing N N 78  
GLU CA  C    sing N N 79  
GLU CA  CB   sing N N 80  
GLU CA  HA   sing N N 81  
GLU C   O    doub N N 82  
GLU C   OXT  sing N N 83  
GLU CB  CG   sing N N 84  
GLU CB  HB2  sing N N 85  
GLU CB  HB3  sing N N 86  
GLU CG  CD   sing N N 87  
GLU CG  HG2  sing N N 88  
GLU CG  HG3  sing N N 89  
GLU CD  OE1  doub N N 90  
GLU CD  OE2  sing N N 91  
GLU OE2 HE2  sing N N 92  
GLU OXT HXT  sing N N 93  
GLY N   CA   sing N N 94  
GLY N   H    sing N N 95  
GLY N   H2   sing N N 96  
GLY CA  C    sing N N 97  
GLY CA  HA2  sing N N 98  
GLY CA  HA3  sing N N 99  
GLY C   O    doub N N 100 
GLY C   OXT  sing N N 101 
GLY OXT HXT  sing N N 102 
HOH O   H1   sing N N 103 
HOH O   H2   sing N N 104 
LEU N   CA   sing N N 105 
LEU N   H    sing N N 106 
LEU N   H2   sing N N 107 
LEU CA  C    sing N N 108 
LEU CA  CB   sing N N 109 
LEU CA  HA   sing N N 110 
LEU C   O    doub N N 111 
LEU C   OXT  sing N N 112 
LEU CB  CG   sing N N 113 
LEU CB  HB2  sing N N 114 
LEU CB  HB3  sing N N 115 
LEU CG  CD1  sing N N 116 
LEU CG  CD2  sing N N 117 
LEU CG  HG   sing N N 118 
LEU CD1 HD11 sing N N 119 
LEU CD1 HD12 sing N N 120 
LEU CD1 HD13 sing N N 121 
LEU CD2 HD21 sing N N 122 
LEU CD2 HD22 sing N N 123 
LEU CD2 HD23 sing N N 124 
LEU OXT HXT  sing N N 125 
LYS N   CA   sing N N 126 
LYS N   H    sing N N 127 
LYS N   H2   sing N N 128 
LYS CA  C    sing N N 129 
LYS CA  CB   sing N N 130 
LYS CA  HA   sing N N 131 
LYS C   O    doub N N 132 
LYS C   OXT  sing N N 133 
LYS CB  CG   sing N N 134 
LYS CB  HB2  sing N N 135 
LYS CB  HB3  sing N N 136 
LYS CG  CD   sing N N 137 
LYS CG  HG2  sing N N 138 
LYS CG  HG3  sing N N 139 
LYS CD  CE   sing N N 140 
LYS CD  HD2  sing N N 141 
LYS CD  HD3  sing N N 142 
LYS CE  NZ   sing N N 143 
LYS CE  HE2  sing N N 144 
LYS CE  HE3  sing N N 145 
LYS NZ  HZ1  sing N N 146 
LYS NZ  HZ2  sing N N 147 
LYS NZ  HZ3  sing N N 148 
LYS OXT HXT  sing N N 149 
NH2 N   HN1  sing N N 150 
NH2 N   HN2  sing N N 151 
TYR N   CA   sing N N 152 
TYR N   H    sing N N 153 
TYR N   H2   sing N N 154 
TYR CA  C    sing N N 155 
TYR CA  CB   sing N N 156 
TYR CA  HA   sing N N 157 
TYR C   O    doub N N 158 
TYR C   OXT  sing N N 159 
TYR CB  CG   sing N N 160 
TYR CB  HB2  sing N N 161 
TYR CB  HB3  sing N N 162 
TYR CG  CD1  doub Y N 163 
TYR CG  CD2  sing Y N 164 
TYR CD1 CE1  sing Y N 165 
TYR CD1 HD1  sing N N 166 
TYR CD2 CE2  doub Y N 167 
TYR CD2 HD2  sing N N 168 
TYR CE1 CZ   doub Y N 169 
TYR CE1 HE1  sing N N 170 
TYR CE2 CZ   sing Y N 171 
TYR CE2 HE2  sing N N 172 
TYR CZ  OH   sing N N 173 
TYR OH  HH   sing N N 174 
TYR OXT HXT  sing N N 175 
VAL N   CA   sing N N 176 
VAL N   H    sing N N 177 
VAL N   H2   sing N N 178 
VAL CA  C    sing N N 179 
VAL CA  CB   sing N N 180 
VAL CA  HA   sing N N 181 
VAL C   O    doub N N 182 
VAL C   OXT  sing N N 183 
VAL CB  CG1  sing N N 184 
VAL CB  CG2  sing N N 185 
VAL CB  HB   sing N N 186 
VAL CG1 HG11 sing N N 187 
VAL CG1 HG12 sing N N 188 
VAL CG1 HG13 sing N N 189 
VAL CG2 HG21 sing N N 190 
VAL CG2 HG22 sing N N 191 
VAL CG2 HG23 sing N N 192 
VAL OXT HXT  sing N N 193 
# 
_atom_sites.entry_id                    4DAC 
_atom_sites.fract_transf_matrix[1][1]   0.01069503 
_atom_sites.fract_transf_matrix[1][2]   -0.00394589 
_atom_sites.fract_transf_matrix[1][3]   0.01410508 
_atom_sites.fract_transf_matrix[2][1]   -0.00539582 
_atom_sites.fract_transf_matrix[2][2]   -0.01212755 
_atom_sites.fract_transf_matrix[2][3]   0.01235808 
_atom_sites.fract_transf_matrix[3][1]   0.01062716 
_atom_sites.fract_transf_matrix[3][2]   -0.01809871 
_atom_sites.fract_transf_matrix[3][3]   -0.01312104 
_atom_sites.fract_transf_vector[1]      -0.201196 
_atom_sites.fract_transf_vector[2]      0.191908 
_atom_sites.fract_transf_vector[3]      -0.006576 
# 
loop_
_atom_type.symbol 
C 
N 
O 
# 
loop_
_atom_site.group_PDB 
_atom_site.id 
_atom_site.type_symbol 
_atom_site.label_atom_id 
_atom_site.label_alt_id 
_atom_site.label_comp_id 
_atom_site.label_asym_id 
_atom_site.label_entity_id 
_atom_site.label_seq_id 
_atom_site.pdbx_PDB_ins_code 
_atom_site.Cartn_x 
_atom_site.Cartn_y 
_atom_site.Cartn_z 
_atom_site.occupancy 
_atom_site.B_iso_or_equiv 
_atom_site.pdbx_formal_charge 
_atom_site.auth_seq_id 
_atom_site.auth_comp_id 
_atom_site.auth_asym_id 
_atom_site.auth_atom_id 
_atom_site.pdbx_PDB_model_num 
HETATM 1   C C   . ACE A 1 1  ? 1.914   17.733  12.001  1.00 18.48 ? 0   ACE A C   1 
HETATM 2   O O   . ACE A 1 1  ? 2.776   17.145  11.365  1.00 19.50 ? 0   ACE A O   1 
HETATM 3   C CH3 . ACE A 1 1  ? 2.113   19.158  12.434  1.00 18.78 ? 0   ACE A CH3 1 
ATOM   4   N N   . GLU A 1 2  ? 0.767   17.168  12.346  1.00 19.36 ? 1   GLU A N   1 
ATOM   5   C CA  . GLU A 1 2  ? 0.456   15.792  11.993  1.00 19.97 ? 1   GLU A CA  1 
ATOM   6   C C   . GLU A 1 2  ? 0.280   15.658  10.483  1.00 18.60 ? 1   GLU A C   1 
ATOM   7   O O   . GLU A 1 2  ? 0.931   14.838  9.831   1.00 16.38 ? 1   GLU A O   1 
ATOM   8   C CB  . GLU A 1 2  ? -0.841  15.360  12.680  1.00 25.12 ? 1   GLU A CB  1 
ATOM   9   C CG  . GLU A 1 2  ? -1.033  13.861  12.770  1.00 30.35 ? 1   GLU A CG  1 
ATOM   10  C CD  . GLU A 1 2  ? -0.327  13.275  13.966  1.00 32.59 ? 1   GLU A CD  1 
ATOM   11  O OE1 . GLU A 1 2  ? -0.663  13.680  15.092  1.00 33.30 ? 1   GLU A OE1 1 
ATOM   12  O OE2 . GLU A 1 2  ? 0.564   12.421  13.785  1.00 36.00 ? 1   GLU A OE2 1 
ATOM   13  N N   . VAL A 1 3  ? -0.615  16.473  9.938   1.00 16.05 ? 2   VAL A N   1 
ATOM   14  C CA  . VAL A 1 3  ? -0.903  16.441  8.519   1.00 16.17 ? 2   VAL A CA  1 
ATOM   15  C C   . VAL A 1 3  ? 0.319   16.762  7.655   1.00 15.71 ? 2   VAL A C   1 
ATOM   16  O O   . VAL A 1 3  ? 0.537   16.132  6.622   1.00 13.81 ? 2   VAL A O   1 
ATOM   17  C CB  . VAL A 1 3  ? -2.057  17.403  8.191   1.00 15.79 ? 2   VAL A CB  1 
ATOM   18  C CG1 . VAL A 1 3  ? -2.370  17.365  6.705   1.00 18.27 ? 2   VAL A CG1 1 
ATOM   19  C CG2 . VAL A 1 3  ? -3.282  17.011  8.995   1.00 15.89 ? 2   VAL A CG2 1 
ATOM   20  N N   . TYR A 1 4  ? 1.121   17.731  8.083   1.00 16.68 ? 3   TYR A N   1 
ATOM   21  C CA  . TYR A 1 4  ? 2.320   18.107  7.341   1.00 19.05 ? 3   TYR A CA  1 
ATOM   22  C C   . TYR A 1 4  ? 3.240   16.893  7.183   1.00 19.01 ? 3   TYR A C   1 
ATOM   23  O O   . TYR A 1 4  ? 3.843   16.692  6.125   1.00 17.80 ? 3   TYR A O   1 
ATOM   24  C CB  . TYR A 1 4  ? 3.060   19.224  8.080   1.00 22.41 ? 3   TYR A CB  1 
ATOM   25  C CG  . TYR A 1 4  ? 4.321   19.725  7.402   1.00 26.26 ? 3   TYR A CG  1 
ATOM   26  C CD1 . TYR A 1 4  ? 4.298   20.861  6.592   1.00 27.36 ? 3   TYR A CD1 1 
ATOM   27  C CD2 . TYR A 1 4  ? 5.549   19.091  7.610   1.00 27.98 ? 3   TYR A CD2 1 
ATOM   28  C CE1 . TYR A 1 4  ? 5.469   21.360  6.012   1.00 28.77 ? 3   TYR A CE1 1 
ATOM   29  C CE2 . TYR A 1 4  ? 6.728   19.583  7.032   1.00 28.86 ? 3   TYR A CE2 1 
ATOM   30  C CZ  . TYR A 1 4  ? 6.679   20.718  6.241   1.00 29.43 ? 3   TYR A CZ  1 
ATOM   31  O OH  . TYR A 1 4  ? 7.839   21.229  5.705   1.00 30.73 ? 3   TYR A OH  1 
ATOM   32  N N   . LYS A 1 5  ? 3.342   16.083  8.233   1.00 17.03 ? 4   LYS A N   1 
ATOM   33  C CA  . LYS A 1 5  ? 4.194   14.905  8.191   1.00 17.64 ? 4   LYS A CA  1 
ATOM   34  C C   . LYS A 1 5  ? 3.575   13.787  7.362   1.00 17.66 ? 4   LYS A C   1 
ATOM   35  O O   . LYS A 1 5  ? 4.270   13.080  6.628   1.00 16.69 ? 4   LYS A O   1 
ATOM   36  C CB  . LYS A 1 5  ? 4.465   14.382  9.599   1.00 19.18 ? 4   LYS A CB  1 
ATOM   37  C CG  . LYS A 1 5  ? 5.339   13.137  9.605   1.00 22.06 ? 4   LYS A CG  1 
ATOM   38  C CD  . LYS A 1 5  ? 5.197   12.327  10.884  1.00 24.62 ? 4   LYS A CD  1 
ATOM   39  C CE  . LYS A 1 5  ? 5.746   13.065  12.086  1.00 24.33 ? 4   LYS A CE  1 
ATOM   40  N NZ  . LYS A 1 5  ? 5.678   12.205  13.286  1.00 24.41 ? 4   LYS A NZ  1 
ATOM   41  N N   . LEU A 1 6  ? 2.265   13.615  7.488   1.00 17.72 ? 5   LEU A N   1 
ATOM   42  C CA  . LEU A 1 6  ? 1.582   12.575  6.740   1.00 16.36 ? 5   LEU A CA  1 
ATOM   43  C C   . LEU A 1 6  ? 1.699   12.803  5.238   1.00 16.14 ? 5   LEU A C   1 
ATOM   44  O O   . LEU A 1 6  ? 1.932   11.862  4.483   1.00 15.72 ? 5   LEU A O   1 
ATOM   45  C CB  . LEU A 1 6  ? 0.124   12.499  7.178   1.00 15.14 ? 5   LEU A CB  1 
ATOM   46  C CG  . LEU A 1 6  ? -0.023  11.736  8.498   1.00 13.60 ? 5   LEU A CG  1 
ATOM   47  C CD1 . LEU A 1 6  ? -1.413  11.946  9.079   1.00 13.87 ? 5   LEU A CD1 1 
ATOM   48  C CD2 . LEU A 1 6  ? 0.250   10.257  8.244   1.00 11.81 ? 5   LEU A CD2 1 
ATOM   49  N N   . ASP A 1 7  ? 1.551   14.053  4.812   1.00 16.06 ? 6   ASP A N   1 
ATOM   50  C CA  . ASP A 1 7  ? 1.667   14.407  3.398   1.00 17.40 ? 6   ASP A CA  1 
ATOM   51  C C   . ASP A 1 7  ? 3.045   13.989  2.894   1.00 16.70 ? 6   ASP A C   1 
ATOM   52  O O   . ASP A 1 7  ? 3.193   13.519  1.763   1.00 15.98 ? 6   ASP A O   1 
ATOM   53  C CB  . ASP A 1 7  ? 1.504   15.916  3.226   1.00 19.36 ? 6   ASP A CB  1 
ATOM   54  C CG  . ASP A 1 7  ? 1.812   16.390  1.810   1.00 22.23 ? 6   ASP A CG  1 
ATOM   55  O OD1 . ASP A 1 7  ? 0.944   16.256  0.924   1.00 22.51 ? 6   ASP A OD1 1 
ATOM   56  O OD2 . ASP A 1 7  ? 2.929   16.902  1.585   1.00 24.09 ? 6   ASP A OD2 1 
ATOM   57  N N   . ALA A 1 8  ? 4.051   14.173  3.744   1.00 15.36 ? 7   ALA A N   1 
ATOM   58  C CA  . ALA A 1 8  ? 5.424   13.820  3.412   1.00 14.17 ? 7   ALA A CA  1 
ATOM   59  C C   . ALA A 1 8  ? 5.584   12.305  3.384   1.00 14.45 ? 7   ALA A C   1 
ATOM   60  O O   . ALA A 1 8  ? 6.314   11.772  2.549   1.00 15.16 ? 7   ALA A O   1 
ATOM   61  C CB  . ALA A 1 8  ? 6.383   14.433  4.426   1.00 13.64 ? 7   ALA A CB  1 
ATOM   62  N N   . ASN A 1 9  ? 4.904   11.608  4.291   1.00 13.82 ? 8   ASN A N   1 
ATOM   63  C CA  . ASN A 1 9  ? 4.983   10.151  4.321   1.00 14.79 ? 8   ASN A CA  1 
ATOM   64  C C   . ASN A 1 9  ? 4.405   9.579   3.036   1.00 14.58 ? 8   ASN A C   1 
ATOM   65  O O   . ASN A 1 9  ? 5.014   8.730   2.397   1.00 14.94 ? 8   ASN A O   1 
ATOM   66  C CB  . ASN A 1 9  ? 4.205   9.570   5.502   1.00 16.35 ? 8   ASN A CB  1 
ATOM   67  C CG  . ASN A 1 9  ? 4.796   9.952   6.839   1.00 19.77 ? 8   ASN A CG  1 
ATOM   68  O OD1 . ASN A 1 9  ? 4.070   10.218  7.803   1.00 18.99 ? 8   ASN A OD1 1 
ATOM   69  N ND2 . ASN A 1 9  ? 6.124   10.003  6.903   1.00 20.17 ? 8   ASN A ND2 1 
ATOM   70  N N   . VAL A 1 10 ? 3.218   10.050  2.666   1.00 15.44 ? 9   VAL A N   1 
ATOM   71  C CA  . VAL A 1 10 ? 2.543   9.589   1.454   1.00 16.36 ? 9   VAL A CA  1 
ATOM   72  C C   . VAL A 1 10 ? 3.358   9.868   0.192   1.00 16.96 ? 9   VAL A C   1 
ATOM   73  O O   . VAL A 1 10 ? 3.470   9.007   -0.684  1.00 16.77 ? 9   VAL A O   1 
ATOM   74  C CB  . VAL A 1 10 ? 1.138   10.238  1.320   1.00 17.19 ? 9   VAL A CB  1 
ATOM   75  C CG1 . VAL A 1 10 ? 0.599   10.067  -0.091  1.00 17.81 ? 9   VAL A CG1 1 
ATOM   76  C CG2 . VAL A 1 10 ? 0.177   9.584   2.310   1.00 15.69 ? 9   VAL A CG2 1 
ATOM   77  N N   . LYS A 1 11 ? 3.930   11.065  0.095   1.00 16.92 ? 10  LYS A N   1 
ATOM   78  C CA  . LYS A 1 11 ? 4.734   11.411  -1.072  1.00 16.81 ? 10  LYS A CA  1 
ATOM   79  C C   . LYS A 1 11 ? 5.888   10.426  -1.243  1.00 16.51 ? 10  LYS A C   1 
ATOM   80  O O   . LYS A 1 11 ? 6.188   10.002  -2.354  1.00 17.55 ? 10  LYS A O   1 
ATOM   81  C CB  . LYS A 1 11 ? 5.258   12.850  -0.955  1.00 16.03 ? 10  LYS A CB  1 
ATOM   82  C CG  . LYS A 1 11 ? 4.189   13.901  -1.252  1.00 17.39 ? 10  LYS A CG  1 
ATOM   83  C CD  . LYS A 1 11 ? 4.631   15.322  -0.927  1.00 16.53 ? 10  LYS A CD  1 
ATOM   84  C CE  . LYS A 1 11 ? 3.516   16.305  -1.273  1.00 18.25 ? 10  LYS A CE  1 
ATOM   85  N NZ  . LYS A 1 11 ? 3.796   17.711  -0.879  1.00 16.47 ? 10  LYS A NZ  1 
ATOM   86  N N   . ARG A 1 12 ? 6.514   10.050  -0.134  1.00 16.90 ? 11  ARG A N   1 
ATOM   87  C CA  . ARG A 1 12 ? 7.630   9.109   -0.150  1.00 15.59 ? 11  ARG A CA  1 
ATOM   88  C C   . ARG A 1 12 ? 7.153   7.699   -0.506  1.00 15.88 ? 11  ARG A C   1 
ATOM   89  O O   . ARG A 1 12 ? 7.812   6.988   -1.267  1.00 15.00 ? 11  ARG A O   1 
ATOM   90  C CB  . ARG A 1 12 ? 8.322   9.104   1.206   1.00 14.64 ? 11  ARG A CB  1 
ATOM   91  N N   . LEU A 1 13 ? 6.017   7.289   0.054   1.00 14.80 ? 12  LEU A N   1 
ATOM   92  C CA  . LEU A 1 13 ? 5.473   5.968   -0.247  1.00 14.18 ? 12  LEU A CA  1 
ATOM   93  C C   . LEU A 1 13 ? 5.058   5.924   -1.722  1.00 13.79 ? 12  LEU A C   1 
ATOM   94  O O   . LEU A 1 13 ? 5.222   4.906   -2.388  1.00 14.07 ? 12  LEU A O   1 
ATOM   95  C CB  . LEU A 1 13 ? 4.275   5.667   0.664   1.00 15.13 ? 12  LEU A CB  1 
ATOM   96  C CG  . LEU A 1 13 ? 4.599   5.463   2.151   1.00 14.33 ? 12  LEU A CG  1 
ATOM   97  C CD1 . LEU A 1 13 ? 3.325   5.540   2.992   1.00 12.46 ? 12  LEU A CD1 1 
ATOM   98  C CD2 . LEU A 1 13 ? 5.304   4.120   2.334   1.00 14.32 ? 12  LEU A CD2 1 
ATOM   99  N N   . GLU A 1 14 ? 4.529   7.033   -2.229  1.00 13.21 ? 13  GLU A N   1 
ATOM   100 C CA  . GLU A 1 14 ? 4.122   7.112   -3.630  1.00 15.30 ? 13  GLU A CA  1 
ATOM   101 C C   . GLU A 1 14 ? 5.301   6.740   -4.522  1.00 14.95 ? 13  GLU A C   1 
ATOM   102 O O   . GLU A 1 14 ? 5.156   5.990   -5.483  1.00 15.33 ? 13  GLU A O   1 
ATOM   103 C CB  . GLU A 1 14 ? 3.678   8.536   -3.989  1.00 17.27 ? 13  GLU A CB  1 
ATOM   104 C CG  . GLU A 1 14 ? 2.443   9.052   -3.274  1.00 17.16 ? 13  GLU A CG  1 
ATOM   105 C CD  . GLU A 1 14 ? 1.164   8.388   -3.740  1.00 18.59 ? 13  GLU A CD  1 
ATOM   106 O OE1 . GLU A 1 14 ? 1.215   7.580   -4.693  1.00 16.24 ? 13  GLU A OE1 1 
ATOM   107 O OE2 . GLU A 1 14 ? 0.103   8.687   -3.149  1.00 20.93 ? 13  GLU A OE2 1 
ATOM   108 N N   . LYS A 1 15 ? 6.463   7.296   -4.195  1.00 14.79 ? 14  LYS A N   1 
ATOM   109 C CA  . LYS A 1 15 ? 7.697   7.054   -4.932  1.00 15.94 ? 14  LYS A CA  1 
ATOM   110 C C   . LYS A 1 15 ? 8.167   5.616   -4.765  1.00 15.95 ? 14  LYS A C   1 
ATOM   111 O O   . LYS A 1 15 ? 8.576   4.969   -5.725  1.00 15.28 ? 14  LYS A O   1 
ATOM   112 C CB  . LYS A 1 15 ? 8.792   8.002   -4.428  1.00 17.21 ? 14  LYS A CB  1 
ATOM   113 C CG  . LYS A 1 15 ? 10.213  7.634   -4.842  1.00 18.69 ? 14  LYS A CG  1 
ATOM   114 C CD  . LYS A 1 15 ? 10.550  8.079   -6.253  1.00 22.19 ? 14  LYS A CD  1 
ATOM   115 C CE  . LYS A 1 15 ? 10.512  9.591   -6.373  1.00 23.54 ? 14  LYS A CE  1 
ATOM   116 N NZ  . LYS A 1 15 ? 11.332  10.244  -5.316  1.00 26.56 ? 14  LYS A NZ  1 
ATOM   117 N N   . GLU A 1 16 ? 8.100   5.119   -3.536  1.00 16.49 ? 15  GLU A N   1 
ATOM   118 C CA  . GLU A 1 16 ? 8.544   3.767   -3.233  1.00 16.83 ? 15  GLU A CA  1 
ATOM   119 C C   . GLU A 1 16 ? 7.673   2.676   -3.837  1.00 14.61 ? 15  GLU A C   1 
ATOM   120 O O   . GLU A 1 16 ? 8.181   1.644   -4.264  1.00 14.10 ? 15  GLU A O   1 
ATOM   121 C CB  . GLU A 1 16 ? 8.662   3.594   -1.720  1.00 19.62 ? 15  GLU A CB  1 
ATOM   122 C CG  . GLU A 1 16 ? 9.645   4.576   -1.117  1.00 25.91 ? 15  GLU A CG  1 
ATOM   123 C CD  . GLU A 1 16 ? 9.755   4.455   0.379   1.00 32.52 ? 15  GLU A CD  1 
ATOM   124 O OE1 . GLU A 1 16 ? 8.709   4.504   1.061   1.00 37.22 ? 15  GLU A OE1 1 
ATOM   125 O OE2 . GLU A 1 16 ? 10.893  4.321   0.876   1.00 37.52 ? 15  GLU A OE2 1 
ATOM   126 N N   . VAL A 1 17 ? 6.366   2.892   -3.879  1.00 13.43 ? 16  VAL A N   1 
ATOM   127 C CA  . VAL A 1 17 ? 5.485   1.895   -4.479  1.00 12.36 ? 16  VAL A CA  1 
ATOM   128 C C   . VAL A 1 17 ? 5.695   1.937   -5.985  1.00 11.53 ? 16  VAL A C   1 
ATOM   129 O O   . VAL A 1 17 ? 5.627   0.912   -6.659  1.00 12.00 ? 16  VAL A O   1 
ATOM   130 C CB  . VAL A 1 17 ? 3.999   2.174   -4.170  1.00 11.81 ? 16  VAL A CB  1 
ATOM   131 C CG1 . VAL A 1 17 ? 3.119   1.161   -4.883  1.00 9.45  ? 16  VAL A CG1 1 
ATOM   132 C CG2 . VAL A 1 17 ? 3.758   2.093   -2.667  1.00 10.99 ? 16  VAL A CG2 1 
ATOM   133 N N   . GLY A 1 18 ? 5.960   3.132   -6.503  1.00 11.91 ? 17  GLY A N   1 
ATOM   134 C CA  . GLY A 1 18 ? 6.188   3.294   -7.927  1.00 13.32 ? 17  GLY A CA  1 
ATOM   135 C C   . GLY A 1 18 ? 7.426   2.539   -8.368  1.00 13.16 ? 17  GLY A C   1 
ATOM   136 O O   . GLY A 1 18 ? 7.419   1.875   -9.396  1.00 13.42 ? 17  GLY A O   1 
ATOM   137 N N   . LYS A 1 19 ? 8.491   2.639   -7.579  1.00 13.88 ? 18  LYS A N   1 
ATOM   138 C CA  . LYS A 1 19 ? 9.742   1.954   -7.887  1.00 14.55 ? 18  LYS A CA  1 
ATOM   139 C C   . LYS A 1 19 ? 9.508   0.447   -7.904  1.00 13.36 ? 18  LYS A C   1 
ATOM   140 O O   . LYS A 1 19 ? 9.988   -0.256  -8.792  1.00 14.85 ? 18  LYS A O   1 
ATOM   141 C CB  . LYS A 1 19 ? 10.810  2.310   -6.847  1.00 17.73 ? 18  LYS A CB  1 
ATOM   142 C CG  . LYS A 1 19 ? 12.234  1.966   -7.268  1.00 22.32 ? 18  LYS A CG  1 
ATOM   143 C CD  . LYS A 1 19 ? 13.248  2.343   -6.185  1.00 26.40 ? 18  LYS A CD  1 
ATOM   144 C CE  . LYS A 1 19 ? 14.696  2.265   -6.691  1.00 28.29 ? 18  LYS A CE  1 
ATOM   145 N NZ  . LYS A 1 19 ? 15.092  0.907   -7.165  1.00 29.88 ? 18  LYS A NZ  1 
ATOM   146 N N   . LEU A 1 20 ? 8.771   -0.051  -6.919  1.00 10.83 ? 19  LEU A N   1 
ATOM   147 C CA  . LEU A 1 20 ? 8.479   -1.471  -6.853  1.00 10.61 ? 19  LEU A CA  1 
ATOM   148 C C   . LEU A 1 20 ? 7.655   -1.886  -8.072  1.00 12.49 ? 19  LEU A C   1 
ATOM   149 O O   . LEU A 1 20 ? 7.956   -2.885  -8.724  1.00 10.83 ? 19  LEU A O   1 
ATOM   150 C CB  . LEU A 1 20 ? 7.742   -1.793  -5.551  1.00 10.44 ? 19  LEU A CB  1 
ATOM   151 C CG  . LEU A 1 20 ? 8.633   -1.825  -4.297  1.00 10.44 ? 19  LEU A CG  1 
ATOM   152 C CD1 . LEU A 1 20 ? 7.772   -1.860  -3.056  1.00 12.10 ? 19  LEU A CD1 1 
ATOM   153 C CD2 . LEU A 1 20 ? 9.550   -3.041  -4.337  1.00 9.64  ? 19  LEU A CD2 1 
ATOM   154 N N   . GLU A 1 21 ? 6.620   -1.116  -8.396  1.00 13.74 ? 20  GLU A N   1 
ATOM   155 C CA  . GLU A 1 21 ? 5.810   -1.433  -9.566  1.00 15.87 ? 20  GLU A CA  1 
ATOM   156 C C   . GLU A 1 21 ? 6.687   -1.404  -10.824 1.00 16.07 ? 20  GLU A C   1 
ATOM   157 O O   . GLU A 1 21 ? 6.446   -2.147  -11.768 1.00 15.96 ? 20  GLU A O   1 
ATOM   158 C CB  . GLU A 1 21 ? 4.657   -0.440  -9.714  1.00 17.46 ? 20  GLU A CB  1 
ATOM   159 C CG  . GLU A 1 21 ? 3.671   -0.450  -8.549  1.00 19.58 ? 20  GLU A CG  1 
ATOM   160 C CD  . GLU A 1 21 ? 2.498   0.496   -8.767  1.00 18.65 ? 20  GLU A CD  1 
ATOM   161 O OE1 . GLU A 1 21 ? 2.725   1.600   -9.309  1.00 18.13 ? 20  GLU A OE1 1 
ATOM   162 O OE2 . GLU A 1 21 ? 1.362   0.143   -8.382  1.00 16.38 ? 20  GLU A OE2 1 
ATOM   163 N N   . GLY A 1 22 ? 7.702   -0.543  -10.831 1.00 15.68 ? 21  GLY A N   1 
ATOM   164 C CA  . GLY A 1 22 ? 8.599   -0.464  -11.970 1.00 17.22 ? 21  GLY A CA  1 
ATOM   165 C C   . GLY A 1 22 ? 9.495   -1.689  -12.112 1.00 18.82 ? 21  GLY A C   1 
ATOM   166 O O   . GLY A 1 22 ? 9.691   -2.196  -13.219 1.00 17.78 ? 21  GLY A O   1 
ATOM   167 N N   . GLU A 1 23 ? 10.030  -2.177  -10.993 1.00 19.93 ? 22  GLU A N   1 
ATOM   168 C CA  . GLU A 1 23 ? 10.911  -3.340  -11.009 1.00 20.81 ? 22  GLU A CA  1 
ATOM   169 C C   . GLU A 1 23 ? 10.242  -4.680  -11.302 1.00 21.02 ? 22  GLU A C   1 
ATOM   170 O O   . GLU A 1 23 ? 10.876  -5.581  -11.842 1.00 21.90 ? 22  GLU A O   1 
ATOM   171 C CB  . GLU A 1 23 ? 11.670  -3.439  -9.692  1.00 22.66 ? 22  GLU A CB  1 
ATOM   172 C CG  . GLU A 1 23 ? 12.623  -2.293  -9.456  1.00 29.37 ? 22  GLU A CG  1 
ATOM   173 C CD  . GLU A 1 23 ? 13.605  -2.586  -8.347  1.00 33.08 ? 22  GLU A CD  1 
ATOM   174 O OE1 . GLU A 1 23 ? 14.282  -1.642  -7.887  1.00 36.31 ? 22  GLU A OE1 1 
ATOM   175 O OE2 . GLU A 1 23 ? 13.710  -3.763  -7.941  1.00 37.53 ? 22  GLU A OE2 1 
ATOM   176 N N   . VAL A 1 24 ? 8.971   -4.829  -10.945 1.00 21.31 ? 23  VAL A N   1 
ATOM   177 C CA  . VAL A 1 24 ? 8.272   -6.081  -11.200 1.00 20.87 ? 23  VAL A CA  1 
ATOM   178 C C   . VAL A 1 24 ? 7.494   -5.965  -12.495 1.00 22.83 ? 23  VAL A C   1 
ATOM   179 O O   . VAL A 1 24 ? 6.864   -6.915  -12.945 1.00 23.85 ? 23  VAL A O   1 
ATOM   180 C CB  . VAL A 1 24 ? 7.288   -6.408  -10.074 1.00 18.30 ? 23  VAL A CB  1 
ATOM   181 C CG1 . VAL A 1 24 ? 8.027   -6.523  -8.768  1.00 18.81 ? 23  VAL A CG1 1 
ATOM   182 C CG2 . VAL A 1 24 ? 6.236   -5.334  -9.987  1.00 18.00 ? 23  VAL A CG2 1 
ATOM   183 N N   . ALA A 1 25 ? 7.552   -4.780  -13.090 1.00 24.97 ? 24  ALA A N   1 
ATOM   184 C CA  . ALA A 1 25 ? 6.844   -4.490  -14.326 1.00 25.29 ? 24  ALA A CA  1 
ATOM   185 C C   . ALA A 1 25 ? 7.288   -5.358  -15.489 1.00 26.28 ? 24  ALA A C   1 
ATOM   186 O O   . ALA A 1 25 ? 6.463   -5.798  -16.286 1.00 26.99 ? 24  ALA A O   1 
ATOM   187 C CB  . ALA A 1 25 ? 7.022   -3.021  -14.687 1.00 25.30 ? 24  ALA A CB  1 
ATOM   188 N N   . ARG A 1 26 ? 8.590   -5.605  -15.585 1.00 26.76 ? 25  ARG A N   1 
ATOM   189 C CA  . ARG A 1 26 ? 9.130   -6.397  -16.680 1.00 28.34 ? 25  ARG A CA  1 
ATOM   190 C C   . ARG A 1 26 ? 9.244   -7.895  -16.391 1.00 28.61 ? 25  ARG A C   1 
ATOM   191 O O   . ARG A 1 26 ? 9.721   -8.653  -17.238 1.00 29.21 ? 25  ARG A O   1 
ATOM   192 C CB  . ARG A 1 26 ? 10.496  -5.839  -17.090 1.00 28.81 ? 25  ARG A CB  1 
ATOM   193 N N   . LEU A 1 27 ? 8.796   -8.320  -15.211 1.00 26.90 ? 26  LEU A N   1 
ATOM   194 C CA  . LEU A 1 27 ? 8.870   -9.726  -14.817 1.00 24.12 ? 26  LEU A CA  1 
ATOM   195 C C   . LEU A 1 27 ? 7.615   -10.529 -15.146 1.00 24.04 ? 26  LEU A C   1 
ATOM   196 O O   . LEU A 1 27 ? 7.695   -11.716 -15.481 1.00 23.64 ? 26  LEU A O   1 
ATOM   197 C CB  . LEU A 1 27 ? 9.157   -9.832  -13.318 1.00 22.58 ? 26  LEU A CB  1 
ATOM   198 C CG  . LEU A 1 27 ? 10.414  -9.098  -12.863 1.00 22.26 ? 26  LEU A CG  1 
ATOM   199 C CD1 . LEU A 1 27 ? 10.650  -9.341  -11.379 1.00 22.07 ? 26  LEU A CD1 1 
ATOM   200 C CD2 . LEU A 1 27 ? 11.600  -9.577  -13.684 1.00 22.06 ? 26  LEU A CD2 1 
HETATM 201 N N   . NH2 A 1 28 ? 6.452   -9.902  -15.042 1.00 22.29 ? 27  NH2 A N   1 
HETATM 202 C C   . ACE B 1 1  ? -9.039  10.050  12.984  1.00 24.77 ? 0   ACE B C   1 
HETATM 203 O O   . ACE B 1 1  ? -8.012  9.401   12.813  1.00 24.37 ? 0   ACE B O   1 
HETATM 204 C CH3 . ACE B 1 1  ? -9.651  10.179  14.352  1.00 24.28 ? 0   ACE B CH3 1 
ATOM   205 N N   . GLU B 1 2  ? -9.674  10.672  11.998  1.00 25.13 ? 1   GLU B N   1 
ATOM   206 C CA  . GLU B 1 2  ? -9.184  10.623  10.629  1.00 26.17 ? 1   GLU B CA  1 
ATOM   207 C C   . GLU B 1 2  ? -7.670  10.768  10.575  1.00 27.29 ? 1   GLU B C   1 
ATOM   208 O O   . GLU B 1 2  ? -6.964  9.873   10.111  1.00 26.47 ? 1   GLU B O   1 
ATOM   209 C CB  . GLU B 1 2  ? -9.830  11.731  9.796   1.00 25.40 ? 1   GLU B CB  1 
ATOM   210 C CG  . GLU B 1 2  ? -11.281 11.466  9.460   1.00 28.30 ? 1   GLU B CG  1 
ATOM   211 C CD  . GLU B 1 2  ? -11.874 12.531  8.567   1.00 29.38 ? 1   GLU B CD  1 
ATOM   212 O OE1 . GLU B 1 2  ? -11.216 12.902  7.572   1.00 30.09 ? 1   GLU B OE1 1 
ATOM   213 O OE2 . GLU B 1 2  ? -13.003 12.988  8.853   1.00 30.93 ? 1   GLU B OE2 1 
ATOM   214 N N   . VAL B 1 3  ? -7.183  11.901  11.065  1.00 27.31 ? 2   VAL B N   1 
ATOM   215 C CA  . VAL B 1 3  ? -5.758  12.194  11.070  1.00 27.20 ? 2   VAL B CA  1 
ATOM   216 C C   . VAL B 1 3  ? -4.930  11.080  11.683  1.00 27.44 ? 2   VAL B C   1 
ATOM   217 O O   . VAL B 1 3  ? -4.128  10.429  11.012  1.00 27.68 ? 2   VAL B O   1 
ATOM   218 C CB  . VAL B 1 3  ? -5.470  13.462  11.865  1.00 27.06 ? 2   VAL B CB  1 
ATOM   219 C CG1 . VAL B 1 3  ? -4.003  13.813  11.751  1.00 25.98 ? 2   VAL B CG1 1 
ATOM   220 C CG2 . VAL B 1 3  ? -6.359  14.585  11.376  1.00 26.72 ? 2   VAL B CG2 1 
ATOM   221 N N   . TYR B 1 4  ? -5.138  10.872  12.972  1.00 26.80 ? 3   TYR B N   1 
ATOM   222 C CA  . TYR B 1 4  ? -4.406  9.869   13.710  1.00 27.36 ? 3   TYR B CA  1 
ATOM   223 C C   . TYR B 1 4  ? -4.582  8.449   13.181  1.00 27.07 ? 3   TYR B C   1 
ATOM   224 O O   . TYR B 1 4  ? -3.711  7.603   13.365  1.00 28.03 ? 3   TYR B O   1 
ATOM   225 C CB  . TYR B 1 4  ? -4.800  9.983   15.176  1.00 31.75 ? 3   TYR B CB  1 
ATOM   226 C CG  . TYR B 1 4  ? -4.423  11.332  15.759  1.00 34.52 ? 3   TYR B CG  1 
ATOM   227 C CD1 . TYR B 1 4  ? -3.094  11.620  16.086  1.00 36.63 ? 3   TYR B CD1 1 
ATOM   228 C CD2 . TYR B 1 4  ? -5.382  12.325  15.974  1.00 34.71 ? 3   TYR B CD2 1 
ATOM   229 C CE1 . TYR B 1 4  ? -2.731  12.853  16.618  1.00 36.74 ? 3   TYR B CE1 1 
ATOM   230 C CE2 . TYR B 1 4  ? -5.027  13.573  16.506  1.00 34.89 ? 3   TYR B CE2 1 
ATOM   231 C CZ  . TYR B 1 4  ? -3.696  13.825  16.826  1.00 37.19 ? 3   TYR B CZ  1 
ATOM   232 O OH  . TYR B 1 4  ? -3.317  15.033  17.370  1.00 36.40 ? 3   TYR B OH  1 
ATOM   233 N N   . LYS B 1 5  ? -5.703  8.182   12.521  1.00 26.09 ? 4   LYS B N   1 
ATOM   234 C CA  . LYS B 1 5  ? -5.942  6.859   11.950  1.00 24.31 ? 4   LYS B CA  1 
ATOM   235 C C   . LYS B 1 5  ? -4.915  6.647   10.842  1.00 22.97 ? 4   LYS B C   1 
ATOM   236 O O   . LYS B 1 5  ? -4.326  5.579   10.709  1.00 22.20 ? 4   LYS B O   1 
ATOM   237 C CB  . LYS B 1 5  ? -7.354  6.778   11.371  1.00 24.16 ? 4   LYS B CB  1 
ATOM   238 N N   . LEU B 1 6  ? -4.709  7.690   10.051  1.00 21.14 ? 5   LEU B N   1 
ATOM   239 C CA  . LEU B 1 6  ? -3.764  7.647   8.948   1.00 19.37 ? 5   LEU B CA  1 
ATOM   240 C C   . LEU B 1 6  ? -2.351  7.289   9.399   1.00 19.55 ? 5   LEU B C   1 
ATOM   241 O O   . LEU B 1 6  ? -1.608  6.654   8.650   1.00 19.33 ? 5   LEU B O   1 
ATOM   242 C CB  . LEU B 1 6  ? -3.754  8.989   8.221   1.00 17.42 ? 5   LEU B CB  1 
ATOM   243 C CG  . LEU B 1 6  ? -4.991  9.280   7.366   1.00 18.28 ? 5   LEU B CG  1 
ATOM   244 C CD1 . LEU B 1 6  ? -4.904  10.692  6.795   1.00 16.45 ? 5   LEU B CD1 1 
ATOM   245 C CD2 . LEU B 1 6  ? -5.091  8.248   6.249   1.00 15.94 ? 5   LEU B CD2 1 
ATOM   246 N N   . ASP B 1 7  ? -1.970  7.693   10.611  1.00 18.26 ? 6   ASP B N   1 
ATOM   247 C CA  . ASP B 1 7  ? -0.634  7.368   11.106  1.00 17.71 ? 6   ASP B CA  1 
ATOM   248 C C   . ASP B 1 7  ? -0.437  5.861   11.158  1.00 17.52 ? 6   ASP B C   1 
ATOM   249 O O   . ASP B 1 7  ? 0.626   5.356   10.792  1.00 16.87 ? 6   ASP B O   1 
ATOM   250 C CB  . ASP B 1 7  ? -0.397  7.934   12.508  1.00 19.10 ? 6   ASP B CB  1 
ATOM   251 C CG  . ASP B 1 7  ? 0.067   9.380   12.489  1.00 23.37 ? 6   ASP B CG  1 
ATOM   252 O OD1 . ASP B 1 7  ? 0.922   9.724   11.641  1.00 26.90 ? 6   ASP B OD1 1 
ATOM   253 O OD2 . ASP B 1 7  ? -0.411  10.168  13.337  1.00 23.04 ? 6   ASP B OD2 1 
ATOM   254 N N   . ALA B 1 8  ? -1.468  5.151   11.616  1.00 15.26 ? 7   ALA B N   1 
ATOM   255 C CA  . ALA B 1 8  ? -1.427  3.695   11.737  1.00 14.36 ? 7   ALA B CA  1 
ATOM   256 C C   . ALA B 1 8  ? -1.400  3.031   10.365  1.00 12.85 ? 7   ALA B C   1 
ATOM   257 O O   . ALA B 1 8  ? -0.778  1.994   10.179  1.00 12.79 ? 7   ALA B O   1 
ATOM   258 C CB  . ALA B 1 8  ? -2.636  3.201   12.545  1.00 12.48 ? 7   ALA B CB  1 
ATOM   259 N N   . ASN B 1 9  ? -2.080  3.642   9.407   1.00 14.42 ? 8   ASN B N   1 
ATOM   260 C CA  . ASN B 1 9  ? -2.128  3.118   8.056   1.00 14.48 ? 8   ASN B CA  1 
ATOM   261 C C   . ASN B 1 9  ? -0.747  3.230   7.433   1.00 14.64 ? 8   ASN B C   1 
ATOM   262 O O   . ASN B 1 9  ? -0.265  2.289   6.807   1.00 14.61 ? 8   ASN B O   1 
ATOM   263 C CB  . ASN B 1 9  ? -3.140  3.904   7.220   1.00 15.93 ? 8   ASN B CB  1 
ATOM   264 C CG  . ASN B 1 9  ? -4.568  3.718   7.703   1.00 18.68 ? 8   ASN B CG  1 
ATOM   265 O OD1 . ASN B 1 9  ? -5.447  4.519   7.395   1.00 19.39 ? 8   ASN B OD1 1 
ATOM   266 N ND2 . ASN B 1 9  ? -4.806  2.650   8.451   1.00 18.65 ? 8   ASN B ND2 1 
ATOM   267 N N   . VAL B 1 10 ? -0.112  4.385   7.615   1.00 15.40 ? 9   VAL B N   1 
ATOM   268 C CA  . VAL B 1 10 ? 1.215   4.620   7.057   1.00 15.43 ? 9   VAL B CA  1 
ATOM   269 C C   . VAL B 1 10 ? 2.248   3.689   7.675   1.00 15.35 ? 9   VAL B C   1 
ATOM   270 O O   . VAL B 1 10 ? 3.082   3.127   6.970   1.00 15.96 ? 9   VAL B O   1 
ATOM   271 C CB  . VAL B 1 10 ? 1.655   6.096   7.254   1.00 16.01 ? 9   VAL B CB  1 
ATOM   272 C CG1 . VAL B 1 10 ? 3.154   6.247   7.002   1.00 16.03 ? 9   VAL B CG1 1 
ATOM   273 C CG2 . VAL B 1 10 ? 0.889   6.990   6.293   1.00 14.92 ? 9   VAL B CG2 1 
ATOM   274 N N   . LYS B 1 11 ? 2.191   3.512   8.989   1.00 16.02 ? 10  LYS B N   1 
ATOM   275 C CA  . LYS B 1 11 ? 3.149   2.639   9.662   1.00 15.30 ? 10  LYS B CA  1 
ATOM   276 C C   . LYS B 1 11 ? 3.091   1.227   9.099   1.00 15.45 ? 10  LYS B C   1 
ATOM   277 O O   . LYS B 1 11 ? 4.123   0.566   8.977   1.00 15.25 ? 10  LYS B O   1 
ATOM   278 C CB  . LYS B 1 11 ? 2.886   2.613   11.171  1.00 14.38 ? 10  LYS B CB  1 
ATOM   279 C CG  . LYS B 1 11 ? 3.130   3.943   11.871  1.00 13.32 ? 10  LYS B CG  1 
ATOM   280 C CD  . LYS B 1 11 ? 2.774   3.853   13.349  1.00 14.25 ? 10  LYS B CD  1 
ATOM   281 C CE  . LYS B 1 11 ? 2.937   5.196   14.047  1.00 14.96 ? 10  LYS B CE  1 
ATOM   282 N NZ  . LYS B 1 11 ? 2.611   5.119   15.498  1.00 13.21 ? 10  LYS B NZ  1 
ATOM   283 N N   . ARG B 1 12 ? 1.885   0.771   8.759   1.00 15.59 ? 11  ARG B N   1 
ATOM   284 C CA  . ARG B 1 12 ? 1.683   -0.566  8.199   1.00 14.44 ? 11  ARG B CA  1 
ATOM   285 C C   . ARG B 1 12 ? 2.144   -0.612  6.742   1.00 13.52 ? 11  ARG B C   1 
ATOM   286 O O   . ARG B 1 12 ? 2.716   -1.602  6.299   1.00 12.13 ? 11  ARG B O   1 
ATOM   287 C CB  . ARG B 1 12 ? 0.217   -0.969  8.298   1.00 12.32 ? 11  ARG B CB  1 
ATOM   288 N N   . LEU B 1 13 ? 1.896   0.459   5.995   1.00 13.30 ? 12  LEU B N   1 
ATOM   289 C CA  . LEU B 1 13 ? 2.336   0.497   4.607   1.00 14.15 ? 12  LEU B CA  1 
ATOM   290 C C   . LEU B 1 13 ? 3.855   0.534   4.562   1.00 14.98 ? 12  LEU B C   1 
ATOM   291 O O   . LEU B 1 13 ? 4.464   -0.055  3.673   1.00 14.96 ? 12  LEU B O   1 
ATOM   292 C CB  . LEU B 1 13 ? 1.775   1.720   3.882   1.00 14.34 ? 12  LEU B CB  1 
ATOM   293 C CG  . LEU B 1 13 ? 0.261   1.710   3.680   1.00 14.03 ? 12  LEU B CG  1 
ATOM   294 C CD1 . LEU B 1 13 ? -0.170  2.970   2.963   1.00 12.57 ? 12  LEU B CD1 1 
ATOM   295 C CD2 . LEU B 1 13 ? -0.132  0.470   2.893   1.00 13.70 ? 12  LEU B CD2 1 
ATOM   296 N N   . GLU B 1 14 ? 4.462   1.225   5.525   1.00 15.32 ? 13  GLU B N   1 
ATOM   297 C CA  . GLU B 1 14 ? 5.911   1.327   5.588   1.00 15.65 ? 13  GLU B CA  1 
ATOM   298 C C   . GLU B 1 14 ? 6.479   -0.065  5.711   1.00 14.15 ? 13  GLU B C   1 
ATOM   299 O O   . GLU B 1 14 ? 7.406   -0.432  4.999   1.00 15.36 ? 13  GLU B O   1 
ATOM   300 C CB  . GLU B 1 14 ? 6.339   2.176   6.785   1.00 17.33 ? 13  GLU B CB  1 
ATOM   301 C CG  . GLU B 1 14 ? 5.908   3.629   6.681   1.00 20.45 ? 13  GLU B CG  1 
ATOM   302 C CD  . GLU B 1 14 ? 6.721   4.432   5.681   1.00 22.59 ? 13  GLU B CD  1 
ATOM   303 O OE1 . GLU B 1 14 ? 7.366   3.833   4.794   1.00 24.45 ? 13  GLU B OE1 1 
ATOM   304 O OE2 . GLU B 1 14 ? 6.702   5.677   5.776   1.00 23.10 ? 13  GLU B OE2 1 
ATOM   305 N N   . LYS B 1 15 ? 5.907   -0.844  6.618   1.00 14.15 ? 14  LYS B N   1 
ATOM   306 C CA  . LYS B 1 15 ? 6.349   -2.211  6.840   1.00 15.28 ? 14  LYS B CA  1 
ATOM   307 C C   . LYS B 1 15 ? 6.196   -3.068  5.587   1.00 16.22 ? 14  LYS B C   1 
ATOM   308 O O   . LYS B 1 15 ? 7.123   -3.782  5.196   1.00 15.73 ? 14  LYS B O   1 
ATOM   309 C CB  . LYS B 1 15 ? 5.547   -2.843  7.977   1.00 16.07 ? 14  LYS B CB  1 
ATOM   310 C CG  . LYS B 1 15 ? 5.762   -4.339  8.132   1.00 15.16 ? 14  LYS B CG  1 
ATOM   311 C CD  . LYS B 1 15 ? 7.217   -4.649  8.456   1.00 17.56 ? 14  LYS B CD  1 
ATOM   312 C CE  . LYS B 1 15 ? 7.594   -4.134  9.821   1.00 15.95 ? 14  LYS B CE  1 
ATOM   313 N NZ  . LYS B 1 15 ? 6.766   -4.803  10.853  1.00 20.54 ? 14  LYS B NZ  1 
ATOM   314 N N   . GLU B 1 16 ? 5.020   -2.990  4.967   1.00 15.94 ? 15  GLU B N   1 
ATOM   315 C CA  . GLU B 1 16 ? 4.714   -3.770  3.775   1.00 15.80 ? 15  GLU B CA  1 
ATOM   316 C C   . GLU B 1 16 ? 5.545   -3.388  2.560   1.00 14.92 ? 15  GLU B C   1 
ATOM   317 O O   . GLU B 1 16 ? 5.951   -4.256  1.793   1.00 14.27 ? 15  GLU B O   1 
ATOM   318 C CB  . GLU B 1 16 ? 3.222   -3.664  3.460   1.00 18.04 ? 15  GLU B CB  1 
ATOM   319 C CG  . GLU B 1 16 ? 2.348   -4.229  4.573   1.00 22.22 ? 15  GLU B CG  1 
ATOM   320 C CD  . GLU B 1 16 ? 0.890   -3.891  4.391   1.00 25.70 ? 15  GLU B CD  1 
ATOM   321 O OE1 . GLU B 1 16 ? 0.591   -2.959  3.618   1.00 29.78 ? 15  GLU B OE1 1 
ATOM   322 O OE2 . GLU B 1 16 ? 0.045   -4.541  5.033   1.00 27.13 ? 15  GLU B OE2 1 
ATOM   323 N N   . VAL B 1 17 ? 5.784   -2.092  2.376   1.00 14.28 ? 16  VAL B N   1 
ATOM   324 C CA  . VAL B 1 17 ? 6.605   -1.627  1.267   1.00 13.71 ? 16  VAL B CA  1 
ATOM   325 C C   . VAL B 1 17 ? 8.032   -2.108  1.530   1.00 13.42 ? 16  VAL B C   1 
ATOM   326 O O   . VAL B 1 17 ? 8.743   -2.498  0.606   1.00 14.17 ? 16  VAL B O   1 
ATOM   327 C CB  . VAL B 1 17 ? 6.593   -0.083  1.166   1.00 14.17 ? 16  VAL B CB  1 
ATOM   328 C CG1 . VAL B 1 17 ? 7.591   0.393   0.133   1.00 13.76 ? 16  VAL B CG1 1 
ATOM   329 C CG2 . VAL B 1 17 ? 5.206   0.392   0.793   1.00 15.25 ? 16  VAL B CG2 1 
ATOM   330 N N   . GLY B 1 18 ? 8.439   -2.093  2.795   1.00 12.57 ? 17  GLY B N   1 
ATOM   331 C CA  . GLY B 1 18 ? 9.775   -2.544  3.142   1.00 13.97 ? 17  GLY B CA  1 
ATOM   332 C C   . GLY B 1 18 ? 9.990   -4.009  2.799   1.00 14.43 ? 17  GLY B C   1 
ATOM   333 O O   . GLY B 1 18 ? 11.012  -4.384  2.220   1.00 13.24 ? 17  GLY B O   1 
ATOM   334 N N   . LYS B 1 19 ? 9.019   -4.843  3.157   1.00 14.66 ? 18  LYS B N   1 
ATOM   335 C CA  . LYS B 1 19 ? 9.097   -6.270  2.882   1.00 16.51 ? 18  LYS B CA  1 
ATOM   336 C C   . LYS B 1 19 ? 9.175   -6.503  1.372   1.00 15.50 ? 18  LYS B C   1 
ATOM   337 O O   . LYS B 1 19 ? 9.952   -7.325  0.896   1.00 16.25 ? 18  LYS B O   1 
ATOM   338 C CB  . LYS B 1 19 ? 7.883   -6.981  3.483   1.00 19.19 ? 18  LYS B CB  1 
ATOM   339 C CG  . LYS B 1 19 ? 7.924   -8.501  3.382   1.00 24.53 ? 18  LYS B CG  1 
ATOM   340 C CD  . LYS B 1 19 ? 6.833   -9.142  4.236   1.00 26.57 ? 18  LYS B CD  1 
ATOM   341 C CE  . LYS B 1 19 ? 6.632   -10.616 3.881   1.00 29.17 ? 18  LYS B CE  1 
ATOM   342 N NZ  . LYS B 1 19 ? 7.899   -11.400 3.921   1.00 28.85 ? 18  LYS B NZ  1 
ATOM   343 N N   . LEU B 1 20 ? 8.376   -5.769  0.614   1.00 14.02 ? 19  LEU B N   1 
ATOM   344 C CA  . LEU B 1 20 ? 8.410   -5.909  -0.826  1.00 12.56 ? 19  LEU B CA  1 
ATOM   345 C C   . LEU B 1 20 ? 9.781   -5.493  -1.365  1.00 13.67 ? 19  LEU B C   1 
ATOM   346 O O   . LEU B 1 20 ? 10.336  -6.154  -2.241  1.00 13.75 ? 19  LEU B O   1 
ATOM   347 C CB  . LEU B 1 20 ? 7.305   -5.066  -1.448  1.00 10.41 ? 19  LEU B CB  1 
ATOM   348 C CG  . LEU B 1 20 ? 5.949   -5.762  -1.374  1.00 10.75 ? 19  LEU B CG  1 
ATOM   349 C CD1 . LEU B 1 20 ? 4.836   -4.787  -1.725  1.00 11.94 ? 19  LEU B CD1 1 
ATOM   350 C CD2 . LEU B 1 20 ? 5.956   -6.945  -2.327  1.00 6.78  ? 19  LEU B CD2 1 
ATOM   351 N N   . GLU B 1 21 ? 10.326  -4.399  -0.841  1.00 13.98 ? 20  GLU B N   1 
ATOM   352 C CA  . GLU B 1 21 ? 11.632  -3.928  -1.280  1.00 14.59 ? 20  GLU B CA  1 
ATOM   353 C C   . GLU B 1 21 ? 12.684  -4.987  -0.991  1.00 14.46 ? 20  GLU B C   1 
ATOM   354 O O   . GLU B 1 21 ? 13.611  -5.180  -1.772  1.00 13.30 ? 20  GLU B O   1 
ATOM   355 C CB  . GLU B 1 21 ? 12.016  -2.638  -0.559  1.00 15.12 ? 20  GLU B CB  1 
ATOM   356 C CG  . GLU B 1 21 ? 11.094  -1.468  -0.812  1.00 17.65 ? 20  GLU B CG  1 
ATOM   357 C CD  . GLU B 1 21 ? 11.679  -0.166  -0.302  1.00 19.91 ? 20  GLU B CD  1 
ATOM   358 O OE1 . GLU B 1 21 ? 12.536  -0.221  0.604   1.00 20.83 ? 20  GLU B OE1 1 
ATOM   359 O OE2 . GLU B 1 21 ? 11.278  0.910   -0.798  1.00 18.85 ? 20  GLU B OE2 1 
ATOM   360 N N   . GLY B 1 22 ? 12.538  -5.662  0.144   1.00 15.12 ? 21  GLY B N   1 
ATOM   361 C CA  . GLY B 1 22 ? 13.479  -6.700  0.513   1.00 15.76 ? 21  GLY B CA  1 
ATOM   362 C C   . GLY B 1 22 ? 13.410  -7.895  -0.420  1.00 17.26 ? 21  GLY B C   1 
ATOM   363 O O   . GLY B 1 22 ? 14.444  -8.432  -0.824  1.00 16.95 ? 21  GLY B O   1 
ATOM   364 N N   . GLU B 1 23 ? 12.195  -8.312  -0.768  1.00 18.52 ? 22  GLU B N   1 
ATOM   365 C CA  . GLU B 1 23 ? 12.006  -9.452  -1.656  1.00 19.57 ? 22  GLU B CA  1 
ATOM   366 C C   . GLU B 1 23 ? 12.392  -9.139  -3.093  1.00 19.24 ? 22  GLU B C   1 
ATOM   367 O O   . GLU B 1 23 ? 13.013  -9.962  -3.764  1.00 20.14 ? 22  GLU B O   1 
ATOM   368 C CB  . GLU B 1 23 ? 10.554  -9.931  -1.591  1.00 22.61 ? 22  GLU B CB  1 
ATOM   369 C CG  . GLU B 1 23 ? 10.205  -10.588 -0.270  1.00 29.28 ? 22  GLU B CG  1 
ATOM   370 C CD  . GLU B 1 23 ? 8.747   -10.994 -0.171  1.00 33.60 ? 22  GLU B CD  1 
ATOM   371 O OE1 . GLU B 1 23 ? 7.881   -10.092 -0.117  1.00 35.30 ? 22  GLU B OE1 1 
ATOM   372 O OE2 . GLU B 1 23 ? 8.470   -12.215 -0.148  1.00 35.10 ? 22  GLU B OE2 1 
ATOM   373 N N   . VAL B 1 24 ? 12.034  -7.949  -3.566  1.00 18.05 ? 23  VAL B N   1 
ATOM   374 C CA  . VAL B 1 24 ? 12.356  -7.554  -4.932  1.00 17.53 ? 23  VAL B CA  1 
ATOM   375 C C   . VAL B 1 24 ? 13.853  -7.342  -5.141  1.00 17.93 ? 23  VAL B C   1 
ATOM   376 O O   . VAL B 1 24 ? 14.359  -7.539  -6.241  1.00 18.09 ? 23  VAL B O   1 
ATOM   377 C CB  . VAL B 1 24 ? 11.599  -6.268  -5.334  1.00 16.24 ? 23  VAL B CB  1 
ATOM   378 C CG1 . VAL B 1 24 ? 12.026  -5.812  -6.714  1.00 14.19 ? 23  VAL B CG1 1 
ATOM   379 C CG2 . VAL B 1 24 ? 10.115  -6.534  -5.324  1.00 17.34 ? 23  VAL B CG2 1 
ATOM   380 N N   . ALA B 1 25 ? 14.564  -6.951  -4.088  1.00 18.73 ? 24  ALA B N   1 
ATOM   381 C CA  . ALA B 1 25 ? 16.004  -6.716  -4.185  1.00 19.90 ? 24  ALA B CA  1 
ATOM   382 C C   . ALA B 1 25 ? 16.773  -7.997  -4.511  1.00 21.20 ? 24  ALA B C   1 
ATOM   383 O O   . ALA B 1 25 ? 17.896  -7.945  -5.014  1.00 20.52 ? 24  ALA B O   1 
ATOM   384 C CB  . ALA B 1 25 ? 16.518  -6.115  -2.890  1.00 18.80 ? 24  ALA B CB  1 
ATOM   385 N N   . ARG B 1 26 ? 16.158  -9.139  -4.218  1.00 22.59 ? 25  ARG B N   1 
ATOM   386 C CA  . ARG B 1 26 ? 16.753  -10.451 -4.470  1.00 23.73 ? 25  ARG B CA  1 
ATOM   387 C C   . ARG B 1 26 ? 16.449  -10.975 -5.880  1.00 23.22 ? 25  ARG B C   1 
ATOM   388 O O   . ARG B 1 26 ? 17.036  -11.959 -6.313  1.00 23.50 ? 25  ARG B O   1 
ATOM   389 C CB  . ARG B 1 26 ? 16.221  -11.458 -3.448  1.00 26.16 ? 25  ARG B CB  1 
ATOM   390 C CG  . ARG B 1 26 ? 16.648  -11.191 -2.017  1.00 30.22 ? 25  ARG B CG  1 
ATOM   391 C CD  . ARG B 1 26 ? 18.019  -11.783 -1.748  1.00 33.65 ? 25  ARG B CD  1 
ATOM   392 N NE  . ARG B 1 26 ? 18.536  -11.401 -0.439  1.00 36.08 ? 25  ARG B NE  1 
ATOM   393 C CZ  . ARG B 1 26 ? 19.657  -11.881 0.088   1.00 37.94 ? 25  ARG B CZ  1 
ATOM   394 N NH1 . ARG B 1 26 ? 20.380  -12.769 -0.584  1.00 38.80 ? 25  ARG B NH1 1 
ATOM   395 N NH2 . ARG B 1 26 ? 20.065  -11.461 1.278   1.00 38.21 ? 25  ARG B NH2 1 
ATOM   396 N N   . LEU B 1 27 ? 15.537  -10.310 -6.586  1.00 22.56 ? 26  LEU B N   1 
ATOM   397 C CA  . LEU B 1 27 ? 15.130  -10.724 -7.929  1.00 22.02 ? 26  LEU B CA  1 
ATOM   398 C C   . LEU B 1 27 ? 15.839  -9.956  -9.044  1.00 23.29 ? 26  LEU B C   1 
ATOM   399 O O   . LEU B 1 27 ? 15.844  -10.387 -10.204 1.00 23.25 ? 26  LEU B O   1 
ATOM   400 C CB  . LEU B 1 27 ? 13.619  -10.546 -8.082  1.00 19.03 ? 26  LEU B CB  1 
ATOM   401 C CG  . LEU B 1 27 ? 12.797  -11.117 -6.929  1.00 18.66 ? 26  LEU B CG  1 
ATOM   402 C CD1 . LEU B 1 27 ? 11.355  -10.668 -7.060  1.00 18.50 ? 26  LEU B CD1 1 
ATOM   403 C CD2 . LEU B 1 27 ? 12.902  -12.627 -6.911  1.00 15.69 ? 26  LEU B CD2 1 
HETATM 404 N N   . NH2 B 1 28 ? 16.431  -8.811  -8.711  1.00 22.36 ? 27  NH2 B N   1 
HETATM 405 C C   . ACE C 1 1  ? -9.023  17.789  2.515   1.00 22.28 ? 0   ACE C C   1 
HETATM 406 O O   . ACE C 1 1  ? -9.000  16.757  1.836   1.00 21.94 ? 0   ACE C O   1 
HETATM 407 C CH3 . ACE C 1 1  ? -10.313 18.551  2.717   1.00 21.37 ? 0   ACE C CH3 1 
ATOM   408 N N   . GLU C 1 2  ? -7.944  18.295  3.107   1.00 21.12 ? 1   GLU C N   1 
ATOM   409 C CA  . GLU C 1 2  ? -6.631  17.668  3.002   1.00 21.77 ? 1   GLU C CA  1 
ATOM   410 C C   . GLU C 1 2  ? -6.623  16.274  3.615   1.00 21.93 ? 1   GLU C C   1 
ATOM   411 O O   . GLU C 1 2  ? -6.007  15.351  3.082   1.00 21.83 ? 1   GLU C O   1 
ATOM   412 C CB  . GLU C 1 2  ? -5.576  18.540  3.678   1.00 21.39 ? 1   GLU C CB  1 
ATOM   413 N N   . VAL C 1 3  ? -7.303  16.116  4.741   1.00 21.18 ? 2   VAL C N   1 
ATOM   414 C CA  . VAL C 1 3  ? -7.338  14.816  5.378   1.00 20.95 ? 2   VAL C CA  1 
ATOM   415 C C   . VAL C 1 3  ? -8.100  13.816  4.507   1.00 20.23 ? 2   VAL C C   1 
ATOM   416 O O   . VAL C 1 3  ? -7.717  12.648  4.421   1.00 19.95 ? 2   VAL C O   1 
ATOM   417 C CB  . VAL C 1 3  ? -7.951  14.915  6.779   1.00 21.45 ? 2   VAL C CB  1 
ATOM   418 C CG1 . VAL C 1 3  ? -7.860  13.573  7.485   1.00 21.13 ? 2   VAL C CG1 1 
ATOM   419 C CG2 . VAL C 1 3  ? -7.197  15.976  7.583   1.00 22.34 ? 2   VAL C CG2 1 
ATOM   420 N N   . TYR C 1 4  ? -9.162  14.266  3.843   1.00 19.36 ? 3   TYR C N   1 
ATOM   421 C CA  . TYR C 1 4  ? -9.912  13.371  2.956   1.00 19.48 ? 3   TYR C CA  1 
ATOM   422 C C   . TYR C 1 4  ? -9.000  12.896  1.829   1.00 18.95 ? 3   TYR C C   1 
ATOM   423 O O   . TYR C 1 4  ? -9.052  11.738  1.426   1.00 17.34 ? 3   TYR C O   1 
ATOM   424 C CB  . TYR C 1 4  ? -11.127 14.073  2.346   1.00 19.11 ? 3   TYR C CB  1 
ATOM   425 C CG  . TYR C 1 4  ? -12.231 14.368  3.329   1.00 20.33 ? 3   TYR C CG  1 
ATOM   426 C CD1 . TYR C 1 4  ? -12.677 13.391  4.216   1.00 20.20 ? 3   TYR C CD1 1 
ATOM   427 C CD2 . TYR C 1 4  ? -12.850 15.617  3.356   1.00 21.84 ? 3   TYR C CD2 1 
ATOM   428 C CE1 . TYR C 1 4  ? -13.714 13.648  5.105   1.00 21.05 ? 3   TYR C CE1 1 
ATOM   429 C CE2 . TYR C 1 4  ? -13.891 15.886  4.238   1.00 21.42 ? 3   TYR C CE2 1 
ATOM   430 C CZ  . TYR C 1 4  ? -14.316 14.898  5.107   1.00 21.46 ? 3   TYR C CZ  1 
ATOM   431 O OH  . TYR C 1 4  ? -15.350 15.155  5.972   1.00 20.89 ? 3   TYR C OH  1 
ATOM   432 N N   . LYS C 1 5  ? -8.168  13.802  1.319   1.00 19.45 ? 4   LYS C N   1 
ATOM   433 C CA  . LYS C 1 5  ? -7.233  13.468  0.249   1.00 19.66 ? 4   LYS C CA  1 
ATOM   434 C C   . LYS C 1 5  ? -6.216  12.425  0.698   1.00 17.84 ? 4   LYS C C   1 
ATOM   435 O O   . LYS C 1 5  ? -6.038  11.406  0.032   1.00 16.91 ? 4   LYS C O   1 
ATOM   436 C CB  . LYS C 1 5  ? -6.488  14.713  -0.233  1.00 20.67 ? 4   LYS C CB  1 
ATOM   437 C CG  . LYS C 1 5  ? -7.165  15.462  -1.366  1.00 25.28 ? 4   LYS C CG  1 
ATOM   438 C CD  . LYS C 1 5  ? -8.452  16.151  -0.939  1.00 27.26 ? 4   LYS C CD  1 
ATOM   439 C CE  . LYS C 1 5  ? -8.906  17.144  -2.008  1.00 29.12 ? 4   LYS C CE  1 
ATOM   440 N NZ  . LYS C 1 5  ? -7.837  18.143  -2.329  1.00 29.76 ? 4   LYS C NZ  1 
ATOM   441 N N   . LEU C 1 6  ? -5.551  12.680  1.824   1.00 16.38 ? 5   LEU C N   1 
ATOM   442 C CA  . LEU C 1 6  ? -4.557  11.741  2.337   1.00 16.35 ? 5   LEU C CA  1 
ATOM   443 C C   . LEU C 1 6  ? -5.149  10.356  2.541   1.00 16.36 ? 5   LEU C C   1 
ATOM   444 O O   . LEU C 1 6  ? -4.504  9.348   2.252   1.00 17.71 ? 5   LEU C O   1 
ATOM   445 C CB  . LEU C 1 6  ? -3.971  12.242  3.658   1.00 13.89 ? 5   LEU C CB  1 
ATOM   446 C CG  . LEU C 1 6  ? -3.019  13.432  3.535   1.00 14.48 ? 5   LEU C CG  1 
ATOM   447 C CD1 . LEU C 1 6  ? -2.669  13.942  4.928   1.00 15.35 ? 5   LEU C CD1 1 
ATOM   448 C CD2 . LEU C 1 6  ? -1.763  13.016  2.767   1.00 9.94  ? 5   LEU C CD2 1 
ATOM   449 N N   . ASP C 1 7  ? -6.375  10.302  3.041   1.00 15.45 ? 6   ASP C N   1 
ATOM   450 C CA  . ASP C 1 7  ? -7.006  9.018   3.269   1.00 16.74 ? 6   ASP C CA  1 
ATOM   451 C C   . ASP C 1 7  ? -7.204  8.300   1.940   1.00 15.88 ? 6   ASP C C   1 
ATOM   452 O O   . ASP C 1 7  ? -7.066  7.079   1.856   1.00 16.51 ? 6   ASP C O   1 
ATOM   453 C CB  . ASP C 1 7  ? -8.350  9.197   3.955   1.00 18.35 ? 6   ASP C CB  1 
ATOM   454 C CG  . ASP C 1 7  ? -8.954  7.882   4.375   1.00 21.36 ? 6   ASP C CG  1 
ATOM   455 O OD1 . ASP C 1 7  ? -8.526  7.334   5.410   1.00 21.46 ? 6   ASP C OD1 1 
ATOM   456 O OD2 . ASP C 1 7  ? -9.846  7.387   3.659   1.00 24.86 ? 6   ASP C OD2 1 
ATOM   457 N N   . ALA C 1 8  ? -7.538  9.068   0.906   1.00 14.32 ? 7   ALA C N   1 
ATOM   458 C CA  . ALA C 1 8  ? -7.747  8.517   -0.424  1.00 12.53 ? 7   ALA C CA  1 
ATOM   459 C C   . ALA C 1 8  ? -6.414  8.003   -0.961  1.00 12.42 ? 7   ALA C C   1 
ATOM   460 O O   . ALA C 1 8  ? -6.360  6.957   -1.605  1.00 10.33 ? 7   ALA C O   1 
ATOM   461 C CB  . ALA C 1 8  ? -8.322  9.582   -1.355  1.00 10.62 ? 7   ALA C CB  1 
ATOM   462 N N   . ASN C 1 9  ? -5.344  8.747   -0.687  1.00 13.90 ? 8   ASN C N   1 
ATOM   463 C CA  . ASN C 1 9  ? -4.003  8.365   -1.111  1.00 13.59 ? 8   ASN C CA  1 
ATOM   464 C C   . ASN C 1 9  ? -3.658  7.017   -0.494  1.00 13.78 ? 8   ASN C C   1 
ATOM   465 O O   . ASN C 1 9  ? -3.164  6.121   -1.177  1.00 14.85 ? 8   ASN C O   1 
ATOM   466 C CB  . ASN C 1 9  ? -2.971  9.381   -0.626  1.00 14.54 ? 8   ASN C CB  1 
ATOM   467 C CG  . ASN C 1 9  ? -3.143  10.745  -1.253  1.00 17.36 ? 8   ASN C CG  1 
ATOM   468 O OD1 . ASN C 1 9  ? -2.787  11.757  -0.650  1.00 17.99 ? 8   ASN C OD1 1 
ATOM   469 N ND2 . ASN C 1 9  ? -3.669  10.785  -2.472  1.00 17.05 ? 8   ASN C ND2 1 
ATOM   470 N N   . VAL C 1 10 ? -3.919  6.894   0.806   1.00 13.44 ? 9   VAL C N   1 
ATOM   471 C CA  . VAL C 1 10 ? -3.631  5.674   1.557   1.00 13.24 ? 9   VAL C CA  1 
ATOM   472 C C   . VAL C 1 10 ? -4.408  4.466   1.055   1.00 13.33 ? 9   VAL C C   1 
ATOM   473 O O   . VAL C 1 10 ? -3.836  3.395   0.874   1.00 12.72 ? 9   VAL C O   1 
ATOM   474 C CB  . VAL C 1 10 ? -3.912  5.870   3.076   1.00 13.29 ? 9   VAL C CB  1 
ATOM   475 C CG1 . VAL C 1 10 ? -3.922  4.536   3.789   1.00 13.86 ? 9   VAL C CG1 1 
ATOM   476 C CG2 . VAL C 1 10 ? -2.847  6.761   3.694   1.00 12.23 ? 9   VAL C CG2 1 
ATOM   477 N N   . LYS C 1 11 ? -5.708  4.628   0.830   1.00 13.67 ? 10  LYS C N   1 
ATOM   478 C CA  . LYS C 1 11 ? -6.508  3.508   0.344   1.00 14.29 ? 10  LYS C CA  1 
ATOM   479 C C   . LYS C 1 11 ? -6.006  3.009   -1.013  1.00 14.27 ? 10  LYS C C   1 
ATOM   480 O O   . LYS C 1 11 ? -5.997  1.807   -1.264  1.00 14.38 ? 10  LYS C O   1 
ATOM   481 C CB  . LYS C 1 11 ? -7.993  3.888   0.256   1.00 14.69 ? 10  LYS C CB  1 
ATOM   482 C CG  . LYS C 1 11 ? -8.699  4.010   1.618   1.00 15.56 ? 10  LYS C CG  1 
ATOM   483 C CD  . LYS C 1 11 ? -10.208 3.822   1.474   1.00 16.56 ? 10  LYS C CD  1 
ATOM   484 C CE  . LYS C 1 11 ? -10.920 3.723   2.818   1.00 15.38 ? 10  LYS C CE  1 
ATOM   485 N NZ  . LYS C 1 11 ? -11.159 5.053   3.435   1.00 15.56 ? 10  LYS C NZ  1 
ATOM   486 N N   . ARG C 1 12 ? -5.577  3.927   -1.877  1.00 14.39 ? 11  ARG C N   1 
ATOM   487 C CA  . ARG C 1 12 ? -5.067  3.552   -3.191  1.00 14.09 ? 11  ARG C CA  1 
ATOM   488 C C   . ARG C 1 12 ? -3.737  2.809   -3.051  1.00 14.64 ? 11  ARG C C   1 
ATOM   489 O O   . ARG C 1 12 ? -3.502  1.815   -3.738  1.00 13.71 ? 11  ARG C O   1 
ATOM   490 C CB  . ARG C 1 12 ? -4.892  4.794   -4.070  1.00 14.75 ? 11  ARG C CB  1 
ATOM   491 N N   . LEU C 1 13 ? -2.871  3.289   -2.160  1.00 13.89 ? 12  LEU C N   1 
ATOM   492 C CA  . LEU C 1 13 ? -1.577  2.652   -1.937  1.00 13.88 ? 12  LEU C CA  1 
ATOM   493 C C   . LEU C 1 13 ? -1.757  1.259   -1.348  1.00 14.23 ? 12  LEU C C   1 
ATOM   494 O O   . LEU C 1 13 ? -1.013  0.335   -1.672  1.00 12.88 ? 12  LEU C O   1 
ATOM   495 C CB  . LEU C 1 13 ? -0.723  3.502   -0.993  1.00 14.03 ? 12  LEU C CB  1 
ATOM   496 C CG  . LEU C 1 13 ? -0.250  4.843   -1.558  1.00 13.88 ? 12  LEU C CG  1 
ATOM   497 C CD1 . LEU C 1 13 ? 0.348   5.678   -0.446  1.00 11.89 ? 12  LEU C CD1 1 
ATOM   498 C CD2 . LEU C 1 13 ? 0.759   4.604   -2.677  1.00 13.99 ? 12  LEU C CD2 1 
ATOM   499 N N   . GLU C 1 14 ? -2.753  1.115   -0.484  1.00 15.12 ? 13  GLU C N   1 
ATOM   500 C CA  . GLU C 1 14 ? -3.029  -0.166  0.148   1.00 17.18 ? 13  GLU C CA  1 
ATOM   501 C C   . GLU C 1 14 ? -3.384  -1.216  -0.889  1.00 16.93 ? 13  GLU C C   1 
ATOM   502 O O   . GLU C 1 14 ? -3.000  -2.375  -0.767  1.00 17.46 ? 13  GLU C O   1 
ATOM   503 C CB  . GLU C 1 14 ? -4.158  -0.013  1.161   1.00 18.96 ? 13  GLU C CB  1 
ATOM   504 C CG  . GLU C 1 14 ? -3.787  0.934   2.295   1.00 22.21 ? 13  GLU C CG  1 
ATOM   505 C CD  . GLU C 1 14 ? -4.889  1.092   3.316   1.00 24.80 ? 13  GLU C CD  1 
ATOM   506 O OE1 . GLU C 1 14 ? -6.076  1.068   2.912   1.00 24.88 ? 13  GLU C OE1 1 
ATOM   507 O OE2 . GLU C 1 14 ? -4.565  1.254   4.517   1.00 25.15 ? 13  GLU C OE2 1 
ATOM   508 N N   . LYS C 1 15 ? -4.117  -0.804  -1.912  1.00 16.82 ? 14  LYS C N   1 
ATOM   509 C CA  . LYS C 1 15 ? -4.507  -1.706  -2.987  1.00 17.74 ? 14  LYS C CA  1 
ATOM   510 C C   . LYS C 1 15 ? -3.281  -2.040  -3.827  1.00 17.05 ? 14  LYS C C   1 
ATOM   511 O O   . LYS C 1 15 ? -3.037  -3.199  -4.151  1.00 16.22 ? 14  LYS C O   1 
ATOM   512 C CB  . LYS C 1 15 ? -5.561  -1.036  -3.869  1.00 19.10 ? 14  LYS C CB  1 
ATOM   513 C CG  . LYS C 1 15 ? -5.813  -1.730  -5.201  1.00 21.85 ? 14  LYS C CG  1 
ATOM   514 C CD  . LYS C 1 15 ? -6.559  -3.043  -5.051  1.00 25.04 ? 14  LYS C CD  1 
ATOM   515 C CE  . LYS C 1 15 ? -8.017  -2.822  -4.678  1.00 25.52 ? 14  LYS C CE  1 
ATOM   516 N NZ  . LYS C 1 15 ? -8.163  -2.272  -3.306  1.00 28.85 ? 14  LYS C NZ  1 
ATOM   517 N N   . GLU C 1 16 ? -2.513  -1.010  -4.175  1.00 17.80 ? 15  GLU C N   1 
ATOM   518 C CA  . GLU C 1 16 ? -1.317  -1.176  -4.991  1.00 16.46 ? 15  GLU C CA  1 
ATOM   519 C C   . GLU C 1 16 ? -0.265  -2.049  -4.317  1.00 14.37 ? 15  GLU C C   1 
ATOM   520 O O   . GLU C 1 16 ? 0.386   -2.857  -4.976  1.00 14.13 ? 15  GLU C O   1 
ATOM   521 C CB  . GLU C 1 16 ? -0.733  0.195   -5.338  1.00 18.56 ? 15  GLU C CB  1 
ATOM   522 C CG  . GLU C 1 16 ? -1.712  1.081   -6.080  1.00 23.57 ? 15  GLU C CG  1 
ATOM   523 C CD  . GLU C 1 16 ? -1.110  2.402   -6.513  1.00 25.54 ? 15  GLU C CD  1 
ATOM   524 O OE1 . GLU C 1 16 ? -0.505  3.092   -5.668  1.00 26.55 ? 15  GLU C OE1 1 
ATOM   525 O OE2 . GLU C 1 16 ? -1.257  2.753   -7.698  1.00 28.69 ? 15  GLU C OE2 1 
ATOM   526 N N   . VAL C 1 17 ? -0.093  -1.885  -3.010  1.00 12.28 ? 16  VAL C N   1 
ATOM   527 C CA  . VAL C 1 17 ? 0.876   -2.693  -2.277  1.00 12.60 ? 16  VAL C CA  1 
ATOM   528 C C   . VAL C 1 17 ? 0.353   -4.126  -2.241  1.00 12.39 ? 16  VAL C C   1 
ATOM   529 O O   . VAL C 1 17 ? 1.120   -5.087  -2.307  1.00 13.52 ? 16  VAL C O   1 
ATOM   530 C CB  . VAL C 1 17 ? 1.071   -2.174  -0.839  1.00 12.39 ? 16  VAL C CB  1 
ATOM   531 C CG1 . VAL C 1 17 ? 1.905   -3.154  -0.026  1.00 10.87 ? 16  VAL C CG1 1 
ATOM   532 C CG2 . VAL C 1 17 ? 1.764   -0.823  -0.874  1.00 12.62 ? 16  VAL C CG2 1 
ATOM   533 N N   . GLY C 1 18 ? -0.964  -4.265  -2.146  1.00 12.65 ? 17  GLY C N   1 
ATOM   534 C CA  . GLY C 1 18 ? -1.559  -5.589  -2.134  1.00 13.41 ? 17  GLY C CA  1 
ATOM   535 C C   . GLY C 1 18 ? -1.273  -6.284  -3.455  1.00 14.15 ? 17  GLY C C   1 
ATOM   536 O O   . GLY C 1 18 ? -0.861  -7.439  -3.476  1.00 13.10 ? 17  GLY C O   1 
ATOM   537 N N   . LYS C 1 19 ? -1.486  -5.571  -4.562  1.00 14.56 ? 18  LYS C N   1 
ATOM   538 C CA  . LYS C 1 19 ? -1.235  -6.114  -5.894  1.00 15.32 ? 18  LYS C CA  1 
ATOM   539 C C   . LYS C 1 19 ? 0.211   -6.581  -6.028  1.00 14.71 ? 18  LYS C C   1 
ATOM   540 O O   . LYS C 1 19 ? 0.483   -7.635  -6.605  1.00 14.15 ? 18  LYS C O   1 
ATOM   541 C CB  . LYS C 1 19 ? -1.484  -5.062  -6.980  1.00 16.55 ? 18  LYS C CB  1 
ATOM   542 C CG  . LYS C 1 19 ? -2.922  -4.713  -7.275  1.00 18.32 ? 18  LYS C CG  1 
ATOM   543 C CD  . LYS C 1 19 ? -3.063  -4.347  -8.750  1.00 21.68 ? 18  LYS C CD  1 
ATOM   544 C CE  . LYS C 1 19 ? -3.684  -2.974  -8.968  1.00 24.26 ? 18  LYS C CE  1 
ATOM   545 N NZ  . LYS C 1 19 ? -2.771  -1.853  -8.614  1.00 24.45 ? 18  LYS C NZ  1 
ATOM   546 N N   . LEU C 1 20 ? 1.133   -5.771  -5.520  1.00 12.51 ? 19  LEU C N   1 
ATOM   547 C CA  . LEU C 1 20 ? 2.548   -6.102  -5.578  1.00 12.36 ? 19  LEU C CA  1 
ATOM   548 C C   . LEU C 1 20 ? 2.823   -7.341  -4.743  1.00 12.27 ? 19  LEU C C   1 
ATOM   549 O O   . LEU C 1 20 ? 3.495   -8.270  -5.193  1.00 11.55 ? 19  LEU C O   1 
ATOM   550 C CB  . LEU C 1 20 ? 3.390   -4.929  -5.069  1.00 11.16 ? 19  LEU C CB  1 
ATOM   551 C CG  . LEU C 1 20 ? 3.565   -3.743  -6.021  1.00 13.08 ? 19  LEU C CG  1 
ATOM   552 C CD1 . LEU C 1 20 ? 4.136   -2.555  -5.276  1.00 11.31 ? 19  LEU C CD1 1 
ATOM   553 C CD2 . LEU C 1 20 ? 4.485   -4.140  -7.167  1.00 13.47 ? 19  LEU C CD2 1 
ATOM   554 N N   . GLU C 1 21 ? 2.302   -7.357  -3.522  1.00 12.52 ? 20  GLU C N   1 
ATOM   555 C CA  . GLU C 1 21 ? 2.497   -8.507  -2.648  1.00 13.15 ? 20  GLU C CA  1 
ATOM   556 C C   . GLU C 1 21 ? 1.982   -9.770  -3.317  1.00 12.11 ? 20  GLU C C   1 
ATOM   557 O O   . GLU C 1 21 ? 2.569   -10.836 -3.174  1.00 9.61  ? 20  GLU C O   1 
ATOM   558 C CB  . GLU C 1 21 ? 1.753   -8.320  -1.332  1.00 14.27 ? 20  GLU C CB  1 
ATOM   559 C CG  . GLU C 1 21 ? 2.312   -7.252  -0.434  1.00 19.74 ? 20  GLU C CG  1 
ATOM   560 C CD  . GLU C 1 21 ? 1.600   -7.229  0.892   1.00 23.14 ? 20  GLU C CD  1 
ATOM   561 O OE1 . GLU C 1 21 ? 0.386   -7.508  0.892   1.00 26.96 ? 20  GLU C OE1 1 
ATOM   562 O OE2 . GLU C 1 21 ? 2.236   -6.928  1.925   1.00 23.67 ? 20  GLU C OE2 1 
ATOM   563 N N   . GLY C 1 22 ? 0.877   -9.632  -4.045  1.00 12.54 ? 21  GLY C N   1 
ATOM   564 C CA  . GLY C 1 22 ? 0.277   -10.762 -4.728  1.00 13.14 ? 21  GLY C CA  1 
ATOM   565 C C   . GLY C 1 22 ? 1.120   -11.301 -5.866  1.00 13.73 ? 21  GLY C C   1 
ATOM   566 O O   . GLY C 1 22 ? 1.243   -12.513 -6.028  1.00 11.98 ? 21  GLY C O   1 
ATOM   567 N N   . GLU C 1 23 ? 1.698   -10.404 -6.660  1.00 15.57 ? 22  GLU C N   1 
ATOM   568 C CA  . GLU C 1 23 ? 2.536   -10.819 -7.781  1.00 17.70 ? 22  GLU C CA  1 
ATOM   569 C C   . GLU C 1 23 ? 3.870   -11.393 -7.307  1.00 17.42 ? 22  GLU C C   1 
ATOM   570 O O   . GLU C 1 23 ? 4.374   -12.356 -7.873  1.00 16.82 ? 22  GLU C O   1 
ATOM   571 C CB  . GLU C 1 23 ? 2.797   -9.646  -8.735  1.00 18.74 ? 22  GLU C CB  1 
ATOM   572 C CG  . GLU C 1 23 ? 3.825   -9.994  -9.813  1.00 23.32 ? 22  GLU C CG  1 
ATOM   573 C CD  . GLU C 1 23 ? 4.038   -8.897  -10.842 1.00 23.82 ? 22  GLU C CD  1 
ATOM   574 O OE1 . GLU C 1 23 ? 4.275   -7.734  -10.453 1.00 25.36 ? 22  GLU C OE1 1 
ATOM   575 O OE2 . GLU C 1 23 ? 3.980   -9.210  -12.047 1.00 27.17 ? 22  GLU C OE2 1 
ATOM   576 N N   . VAL C 1 24 ? 4.437   -10.798 -6.262  1.00 18.50 ? 23  VAL C N   1 
ATOM   577 C CA  . VAL C 1 24 ? 5.711   -11.262 -5.724  1.00 17.46 ? 23  VAL C CA  1 
ATOM   578 C C   . VAL C 1 24 ? 5.564   -12.603 -5.016  1.00 17.70 ? 23  VAL C C   1 
ATOM   579 O O   . VAL C 1 24 ? 6.508   -13.389 -4.958  1.00 16.94 ? 23  VAL C O   1 
ATOM   580 C CB  . VAL C 1 24 ? 6.301   -10.218 -4.763  1.00 17.46 ? 23  VAL C CB  1 
ATOM   581 C CG1 . VAL C 1 24 ? 7.450   -10.813 -3.960  1.00 17.78 ? 23  VAL C CG1 1 
ATOM   582 C CG2 . VAL C 1 24 ? 6.779   -9.023  -5.564  1.00 15.35 ? 23  VAL C CG2 1 
ATOM   583 N N   . ALA C 1 25 ? 4.370   -12.864 -4.493  1.00 17.73 ? 24  ALA C N   1 
ATOM   584 C CA  . ALA C 1 25 ? 4.089   -14.119 -3.797  1.00 18.88 ? 24  ALA C CA  1 
ATOM   585 C C   . ALA C 1 25 ? 4.063   -15.305 -4.762  1.00 18.25 ? 24  ALA C C   1 
ATOM   586 O O   . ALA C 1 25 ? 4.209   -16.453 -4.347  1.00 17.95 ? 24  ALA C O   1 
ATOM   587 C CB  . ALA C 1 25 ? 2.755   -14.023 -3.069  1.00 17.75 ? 24  ALA C CB  1 
ATOM   588 N N   . ARG C 1 26 ? 3.869   -15.016 -6.043  1.00 16.97 ? 25  ARG C N   1 
ATOM   589 C CA  . ARG C 1 26 ? 3.816   -16.042 -7.075  1.00 17.26 ? 25  ARG C CA  1 
ATOM   590 C C   . ARG C 1 26 ? 5.166   -16.180 -7.778  1.00 17.53 ? 25  ARG C C   1 
ATOM   591 O O   . ARG C 1 26 ? 5.357   -17.068 -8.609  1.00 17.46 ? 25  ARG C O   1 
ATOM   592 C CB  . ARG C 1 26 ? 2.730   -15.687 -8.099  1.00 16.39 ? 25  ARG C CB  1 
ATOM   593 C CG  . ARG C 1 26 ? 1.311   -15.835 -7.577  1.00 15.07 ? 25  ARG C CG  1 
ATOM   594 C CD  . ARG C 1 26 ? 0.893   -17.304 -7.494  1.00 17.17 ? 25  ARG C CD  1 
ATOM   595 N NE  . ARG C 1 26 ? -0.313  -17.481 -6.686  1.00 18.50 ? 25  ARG C NE  1 
ATOM   596 C CZ  . ARG C 1 26 ? -0.943  -18.640 -6.511  1.00 18.42 ? 25  ARG C CZ  1 
ATOM   597 N NH1 . ARG C 1 26 ? -0.491  -19.740 -7.092  1.00 17.20 ? 25  ARG C NH1 1 
ATOM   598 N NH2 . ARG C 1 26 ? -2.016  -18.702 -5.732  1.00 17.53 ? 25  ARG C NH2 1 
ATOM   599 N N   . LEU C 1 27 ? 6.099   -15.296 -7.434  1.00 17.86 ? 26  LEU C N   1 
ATOM   600 C CA  . LEU C 1 27 ? 7.429   -15.309 -8.027  1.00 17.06 ? 26  LEU C CA  1 
ATOM   601 C C   . LEU C 1 27 ? 8.413   -16.106 -7.192  1.00 17.74 ? 26  LEU C C   1 
ATOM   602 O O   . LEU C 1 27 ? 9.246   -16.839 -7.725  1.00 19.33 ? 26  LEU C O   1 
ATOM   603 C CB  . LEU C 1 27 ? 7.955   -13.882 -8.192  1.00 17.55 ? 26  LEU C CB  1 
ATOM   604 C CG  . LEU C 1 27 ? 7.271   -12.968 -9.207  1.00 17.79 ? 26  LEU C CG  1 
ATOM   605 C CD1 . LEU C 1 27 ? 8.042   -11.658 -9.297  1.00 16.70 ? 26  LEU C CD1 1 
ATOM   606 C CD2 . LEU C 1 27 ? 7.221   -13.647 -10.569 1.00 17.80 ? 26  LEU C CD2 1 
HETATM 607 N N   . NH2 C 1 28 ? 8.341   -15.960 -5.877  1.00 17.57 ? 27  NH2 C N   1 
HETATM 608 C C   . ACE D 1 1  ? -17.671 3.578   15.121  1.00 15.98 ? 0   ACE D C   1 
HETATM 609 O O   . ACE D 1 1  ? -16.717 2.982   14.623  1.00 17.38 ? 0   ACE D O   1 
HETATM 610 C CH3 . ACE D 1 1  ? -17.482 4.453   16.336  1.00 15.41 ? 0   ACE D CH3 1 
ATOM   611 N N   . GLU D 1 2  ? -18.907 3.510   14.636  1.00 15.83 ? 1   GLU D N   1 
ATOM   612 C CA  . GLU D 1 2  ? -19.258 2.702   13.470  1.00 16.52 ? 1   GLU D CA  1 
ATOM   613 C C   . GLU D 1 2  ? -18.517 3.056   12.182  1.00 15.83 ? 1   GLU D C   1 
ATOM   614 O O   . GLU D 1 2  ? -17.995 2.179   11.500  1.00 15.12 ? 1   GLU D O   1 
ATOM   615 C CB  . GLU D 1 2  ? -20.764 2.795   13.194  1.00 17.53 ? 1   GLU D CB  1 
ATOM   616 C CG  . GLU D 1 2  ? -21.654 2.115   14.216  1.00 20.53 ? 1   GLU D CG  1 
ATOM   617 C CD  . GLU D 1 2  ? -23.131 2.252   13.873  1.00 23.75 ? 1   GLU D CD  1 
ATOM   618 O OE1 . GLU D 1 2  ? -23.497 1.994   12.707  1.00 26.53 ? 1   GLU D OE1 1 
ATOM   619 O OE2 . GLU D 1 2  ? -23.928 2.611   14.765  1.00 25.02 ? 1   GLU D OE2 1 
ATOM   620 N N   . VAL D 1 3  ? -18.484 4.333   11.830  1.00 15.22 ? 2   VAL D N   1 
ATOM   621 C CA  . VAL D 1 3  ? -17.815 4.715   10.597  1.00 16.71 ? 2   VAL D CA  1 
ATOM   622 C C   . VAL D 1 3  ? -16.320 4.422   10.669  1.00 15.53 ? 2   VAL D C   1 
ATOM   623 O O   . VAL D 1 3  ? -15.754 3.772   9.790   1.00 14.11 ? 2   VAL D O   1 
ATOM   624 C CB  . VAL D 1 3  ? -18.052 6.196   10.291  1.00 17.59 ? 2   VAL D CB  1 
ATOM   625 C CG1 . VAL D 1 3  ? -17.511 6.536   8.914   1.00 18.12 ? 2   VAL D CG1 1 
ATOM   626 C CG2 . VAL D 1 3  ? -19.544 6.493   10.365  1.00 18.73 ? 2   VAL D CG2 1 
ATOM   627 N N   . TYR D 1 4  ? -15.689 4.900   11.732  1.00 16.12 ? 3   TYR D N   1 
ATOM   628 C CA  . TYR D 1 4  ? -14.264 4.694   11.956  1.00 16.40 ? 3   TYR D CA  1 
ATOM   629 C C   . TYR D 1 4  ? -13.886 3.219   11.780  1.00 16.28 ? 3   TYR D C   1 
ATOM   630 O O   . TYR D 1 4  ? -12.917 2.885   11.092  1.00 14.37 ? 3   TYR D O   1 
ATOM   631 C CB  . TYR D 1 4  ? -13.914 5.136   13.376  1.00 18.42 ? 3   TYR D CB  1 
ATOM   632 C CG  . TYR D 1 4  ? -12.446 5.087   13.698  1.00 21.50 ? 3   TYR D CG  1 
ATOM   633 C CD1 . TYR D 1 4  ? -11.616 6.175   13.419  1.00 23.78 ? 3   TYR D CD1 1 
ATOM   634 C CD2 . TYR D 1 4  ? -11.880 3.954   14.280  1.00 21.84 ? 3   TYR D CD2 1 
ATOM   635 C CE1 . TYR D 1 4  ? -10.252 6.136   13.713  1.00 23.72 ? 3   TYR D CE1 1 
ATOM   636 C CE2 . TYR D 1 4  ? -10.521 3.902   14.580  1.00 23.59 ? 3   TYR D CE2 1 
ATOM   637 C CZ  . TYR D 1 4  ? -9.714  4.996   14.295  1.00 24.14 ? 3   TYR D CZ  1 
ATOM   638 O OH  . TYR D 1 4  ? -8.372  4.953   14.601  1.00 25.93 ? 3   TYR D OH  1 
ATOM   639 N N   . LYS D 1 5  ? -14.664 2.349   12.419  1.00 15.66 ? 4   LYS D N   1 
ATOM   640 C CA  . LYS D 1 5  ? -14.446 0.910   12.386  1.00 15.45 ? 4   LYS D CA  1 
ATOM   641 C C   . LYS D 1 5  ? -14.708 0.286   11.012  1.00 15.20 ? 4   LYS D C   1 
ATOM   642 O O   . LYS D 1 5  ? -14.050 -0.686  10.635  1.00 14.24 ? 4   LYS D O   1 
ATOM   643 C CB  . LYS D 1 5  ? -15.307 0.247   13.463  1.00 15.00 ? 4   LYS D CB  1 
ATOM   644 C CG  . LYS D 1 5  ? -14.846 0.553   14.896  1.00 16.70 ? 4   LYS D CG  1 
ATOM   645 C CD  . LYS D 1 5  ? -15.934 0.211   15.923  1.00 17.96 ? 4   LYS D CD  1 
ATOM   646 C CE  . LYS D 1 5  ? -15.362 -0.277  17.263  1.00 19.20 ? 4   LYS D CE  1 
ATOM   647 N NZ  . LYS D 1 5  ? -14.546 0.730   17.991  1.00 18.44 ? 4   LYS D NZ  1 
ATOM   648 N N   . LEU D 1 6  ? -15.666 0.834   10.269  1.00 15.44 ? 5   LEU D N   1 
ATOM   649 C CA  . LEU D 1 6  ? -15.950 0.339   8.928   1.00 13.69 ? 5   LEU D CA  1 
ATOM   650 C C   . LEU D 1 6  ? -14.791 0.727   8.029   1.00 14.08 ? 5   LEU D C   1 
ATOM   651 O O   . LEU D 1 6  ? -14.383 -0.031  7.155   1.00 15.69 ? 5   LEU D O   1 
ATOM   652 C CB  . LEU D 1 6  ? -17.223 0.957   8.374   1.00 13.52 ? 5   LEU D CB  1 
ATOM   653 C CG  . LEU D 1 6  ? -18.529 0.200   8.603   1.00 14.59 ? 5   LEU D CG  1 
ATOM   654 C CD1 . LEU D 1 6  ? -19.633 0.929   7.856   1.00 14.05 ? 5   LEU D CD1 1 
ATOM   655 C CD2 . LEU D 1 6  ? -18.416 -1.242  8.112   1.00 11.72 ? 5   LEU D CD2 1 
ATOM   656 N N   . ASP D 1 7  ? -14.267 1.924   8.245   1.00 12.59 ? 6   ASP D N   1 
ATOM   657 C CA  . ASP D 1 7  ? -13.148 2.397   7.453   1.00 13.94 ? 6   ASP D CA  1 
ATOM   658 C C   . ASP D 1 7  ? -11.958 1.453   7.575   1.00 13.72 ? 6   ASP D C   1 
ATOM   659 O O   . ASP D 1 7  ? -11.233 1.222   6.609   1.00 14.52 ? 6   ASP D O   1 
ATOM   660 C CB  . ASP D 1 7  ? -12.715 3.780   7.913   1.00 13.81 ? 6   ASP D CB  1 
ATOM   661 C CG  . ASP D 1 7  ? -11.470 4.251   7.207   1.00 15.60 ? 6   ASP D CG  1 
ATOM   662 O OD1 . ASP D 1 7  ? -11.574 4.667   6.036   1.00 15.62 ? 6   ASP D OD1 1 
ATOM   663 O OD2 . ASP D 1 7  ? -10.387 4.183   7.823   1.00 16.33 ? 6   ASP D OD2 1 
ATOM   664 N N   . ALA D 1 8  ? -11.755 0.925   8.775   1.00 13.82 ? 7   ALA D N   1 
ATOM   665 C CA  . ALA D 1 8  ? -10.643 0.021   9.037   1.00 13.57 ? 7   ALA D CA  1 
ATOM   666 C C   . ALA D 1 8  ? -10.874 -1.290  8.308   1.00 13.75 ? 7   ALA D C   1 
ATOM   667 O O   . ALA D 1 8  ? -9.928  -1.949  7.879   1.00 13.57 ? 7   ALA D O   1 
ATOM   668 C CB  . ALA D 1 8  ? -10.504 -0.222  10.535  1.00 11.10 ? 7   ALA D CB  1 
ATOM   669 N N   . ASN D 1 9  ? -12.139 -1.665  8.173   1.00 14.24 ? 8   ASN D N   1 
ATOM   670 C CA  . ASN D 1 9  ? -12.485 -2.890  7.479   1.00 15.19 ? 8   ASN D CA  1 
ATOM   671 C C   . ASN D 1 9  ? -12.176 -2.717  6.003   1.00 14.35 ? 8   ASN D C   1 
ATOM   672 O O   . ASN D 1 9  ? -11.559 -3.579  5.383   1.00 13.80 ? 8   ASN D O   1 
ATOM   673 C CB  . ASN D 1 9  ? -13.971 -3.212  7.656   1.00 16.97 ? 8   ASN D CB  1 
ATOM   674 C CG  . ASN D 1 9  ? -14.327 -3.563  9.089   1.00 20.29 ? 8   ASN D CG  1 
ATOM   675 O OD1 . ASN D 1 9  ? -15.323 -3.082  9.628   1.00 22.59 ? 8   ASN D OD1 1 
ATOM   676 N ND2 . ASN D 1 9  ? -13.504 -4.392  9.717   1.00 20.94 ? 8   ASN D ND2 1 
ATOM   677 N N   . VAL D 1 10 ? -12.603 -1.589  5.450   1.00 13.40 ? 9   VAL D N   1 
ATOM   678 C CA  . VAL D 1 10 ? -12.389 -1.300  4.039   1.00 13.28 ? 9   VAL D CA  1 
ATOM   679 C C   . VAL D 1 10 ? -10.910 -1.245  3.669   1.00 12.98 ? 9   VAL D C   1 
ATOM   680 O O   . VAL D 1 10 ? -10.509 -1.754  2.626   1.00 13.06 ? 9   VAL D O   1 
ATOM   681 C CB  . VAL D 1 10 ? -13.074 0.029   3.648   1.00 13.09 ? 9   VAL D CB  1 
ATOM   682 C CG1 . VAL D 1 10 ? -12.682 0.439   2.245   1.00 13.96 ? 9   VAL D CG1 1 
ATOM   683 C CG2 . VAL D 1 10 ? -14.581 -0.136  3.728   1.00 12.89 ? 9   VAL D CG2 1 
ATOM   684 N N   . LYS D 1 11 ? -10.097 -0.644  4.529   1.00 13.33 ? 10  LYS D N   1 
ATOM   685 C CA  . LYS D 1 11 ? -8.668  -0.529  4.262   1.00 13.01 ? 10  LYS D CA  1 
ATOM   686 C C   . LYS D 1 11 ? -7.989  -1.888  4.214   1.00 13.17 ? 10  LYS D C   1 
ATOM   687 O O   . LYS D 1 11 ? -7.061  -2.094  3.433   1.00 11.56 ? 10  LYS D O   1 
ATOM   688 C CB  . LYS D 1 11 ? -8.016  0.381   5.307   1.00 13.66 ? 10  LYS D CB  1 
ATOM   689 C CG  . LYS D 1 11 ? -8.526  1.813   5.212   1.00 14.18 ? 10  LYS D CG  1 
ATOM   690 C CD  . LYS D 1 11 ? -7.830  2.772   6.162   1.00 14.62 ? 10  LYS D CD  1 
ATOM   691 C CE  . LYS D 1 11 ? -8.227  4.214   5.830   1.00 14.69 ? 10  LYS D CE  1 
ATOM   692 N NZ  . LYS D 1 11 ? -7.799  5.196   6.868   1.00 17.36 ? 10  LYS D NZ  1 
ATOM   693 N N   . ARG D 1 12 ? -8.473  -2.823  5.032   1.00 13.79 ? 11  ARG D N   1 
ATOM   694 C CA  . ARG D 1 12 ? -7.925  -4.176  5.065   1.00 13.83 ? 11  ARG D CA  1 
ATOM   695 C C   . ARG D 1 12 ? -8.364  -4.936  3.807   1.00 13.67 ? 11  ARG D C   1 
ATOM   696 O O   . ARG D 1 12 ? -7.572  -5.651  3.193   1.00 13.83 ? 11  ARG D O   1 
ATOM   697 C CB  . ARG D 1 12 ? -8.389  -4.904  6.326   1.00 13.88 ? 11  ARG D CB  1 
ATOM   698 N N   . LEU D 1 13 ? -9.627  -4.780  3.424   1.00 13.46 ? 12  LEU D N   1 
ATOM   699 C CA  . LEU D 1 13 ? -10.142 -5.425  2.222   1.00 13.33 ? 12  LEU D CA  1 
ATOM   700 C C   . LEU D 1 13 ? -9.430  -4.866  0.994   1.00 14.11 ? 12  LEU D C   1 
ATOM   701 O O   . LEU D 1 13 ? -9.159  -5.595  0.043   1.00 13.97 ? 12  LEU D O   1 
ATOM   702 C CB  . LEU D 1 13 ? -11.641 -5.173  2.086   1.00 14.10 ? 12  LEU D CB  1 
ATOM   703 C CG  . LEU D 1 13 ? -12.576 -5.902  3.047   1.00 12.07 ? 12  LEU D CG  1 
ATOM   704 C CD1 . LEU D 1 13 ? -13.987 -5.350  2.880   1.00 9.32  ? 12  LEU D CD1 1 
ATOM   705 C CD2 . LEU D 1 13 ? -12.531 -7.396  2.767   1.00 9.52  ? 12  LEU D CD2 1 
ATOM   706 N N   . GLU D 1 14 ? -9.137  -3.567  1.017   1.00 14.00 ? 13  GLU D N   1 
ATOM   707 C CA  . GLU D 1 14 ? -8.448  -2.910  -0.095  1.00 16.05 ? 13  GLU D CA  1 
ATOM   708 C C   . GLU D 1 14 ? -7.132  -3.610  -0.365  1.00 15.17 ? 13  GLU D C   1 
ATOM   709 O O   . GLU D 1 14 ? -6.774  -3.848  -1.509  1.00 16.03 ? 13  GLU D O   1 
ATOM   710 C CB  . GLU D 1 14 ? -8.163  -1.438  0.225   1.00 16.50 ? 13  GLU D CB  1 
ATOM   711 C CG  . GLU D 1 14 ? -9.398  -0.558  0.363   1.00 19.78 ? 13  GLU D CG  1 
ATOM   712 C CD  . GLU D 1 14 ? -9.937  -0.064  -0.964  1.00 20.76 ? 13  GLU D CD  1 
ATOM   713 O OE1 . GLU D 1 14 ? -9.610  -0.670  -2.011  1.00 21.48 ? 13  GLU D OE1 1 
ATOM   714 O OE2 . GLU D 1 14 ? -10.701 0.927   -0.951  1.00 20.91 ? 13  GLU D OE2 1 
ATOM   715 N N   . LYS D 1 15 ? -6.414  -3.932  0.701   1.00 15.07 ? 14  LYS D N   1 
ATOM   716 C CA  . LYS D 1 15 ? -5.138  -4.613  0.574   1.00 15.24 ? 14  LYS D CA  1 
ATOM   717 C C   . LYS D 1 15 ? -5.299  -6.072  0.166   1.00 15.55 ? 14  LYS D C   1 
ATOM   718 O O   . LYS D 1 15 ? -4.516  -6.594  -0.629  1.00 12.51 ? 14  LYS D O   1 
ATOM   719 C CB  . LYS D 1 15 ? -4.378  -4.563  1.890   1.00 17.18 ? 14  LYS D CB  1 
ATOM   720 C CG  . LYS D 1 15 ? -3.079  -5.339  1.833   1.00 20.72 ? 14  LYS D CG  1 
ATOM   721 C CD  . LYS D 1 15 ? -2.327  -5.272  3.136   1.00 23.93 ? 14  LYS D CD  1 
ATOM   722 C CE  . LYS D 1 15 ? -1.060  -6.099  3.048   1.00 25.51 ? 14  LYS D CE  1 
ATOM   723 N NZ  . LYS D 1 15 ? -1.361  -7.517  2.732   1.00 27.26 ? 14  LYS D NZ  1 
ATOM   724 N N   . GLU D 1 16 ? -6.310  -6.730  0.726   1.00 15.45 ? 15  GLU D N   1 
ATOM   725 C CA  . GLU D 1 16 ? -6.561  -8.133  0.435   1.00 16.48 ? 15  GLU D CA  1 
ATOM   726 C C   . GLU D 1 16 ? -7.024  -8.379  -0.992  1.00 14.58 ? 15  GLU D C   1 
ATOM   727 O O   . GLU D 1 16 ? -6.631  -9.366  -1.615  1.00 14.46 ? 15  GLU D O   1 
ATOM   728 C CB  . GLU D 1 16 ? -7.571  -8.691  1.435   1.00 17.90 ? 15  GLU D CB  1 
ATOM   729 C CG  . GLU D 1 16 ? -7.013  -8.709  2.844   1.00 22.50 ? 15  GLU D CG  1 
ATOM   730 C CD  . GLU D 1 16 ? -8.000  -9.218  3.861   1.00 24.85 ? 15  GLU D CD  1 
ATOM   731 O OE1 . GLU D 1 16 ? -7.634  -9.284  5.053   1.00 26.65 ? 15  GLU D OE1 1 
ATOM   732 O OE2 . GLU D 1 16 ? -9.137  -9.548  3.469   1.00 27.71 ? 15  GLU D OE2 1 
ATOM   733 N N   . VAL D 1 17 ? -7.855  -7.480  -1.507  1.00 12.87 ? 16  VAL D N   1 
ATOM   734 C CA  . VAL D 1 17 ? -8.344  -7.601  -2.871  1.00 10.43 ? 16  VAL D CA  1 
ATOM   735 C C   . VAL D 1 17 ? -7.186  -7.328  -3.809  1.00 10.85 ? 16  VAL D C   1 
ATOM   736 O O   . VAL D 1 17 ? -7.070  -7.949  -4.864  1.00 12.39 ? 16  VAL D O   1 
ATOM   737 C CB  . VAL D 1 17 ? -9.460  -6.595  -3.157  1.00 8.57  ? 16  VAL D CB  1 
ATOM   738 C CG1 . VAL D 1 17 ? -9.841  -6.642  -4.624  1.00 6.20  ? 16  VAL D CG1 1 
ATOM   739 C CG2 . VAL D 1 17 ? -10.664 -6.913  -2.288  1.00 6.91  ? 16  VAL D CG2 1 
ATOM   740 N N   . GLY D 1 18 ? -6.330  -6.391  -3.417  1.00 10.60 ? 17  GLY D N   1 
ATOM   741 C CA  . GLY D 1 18 ? -5.182  -6.058  -4.233  1.00 11.29 ? 17  GLY D CA  1 
ATOM   742 C C   . GLY D 1 18 ? -4.269  -7.258  -4.378  1.00 13.37 ? 17  GLY D C   1 
ATOM   743 O O   . GLY D 1 18 ? -3.796  -7.559  -5.472  1.00 13.58 ? 17  GLY D O   1 
ATOM   744 N N   . LYS D 1 19 ? -4.025  -7.946  -3.268  1.00 13.74 ? 18  LYS D N   1 
ATOM   745 C CA  . LYS D 1 19 ? -3.169  -9.122  -3.274  1.00 15.21 ? 18  LYS D CA  1 
ATOM   746 C C   . LYS D 1 19 ? -3.785  -10.198 -4.165  1.00 14.87 ? 18  LYS D C   1 
ATOM   747 O O   . LYS D 1 19 ? -3.094  -10.816 -4.969  1.00 15.33 ? 18  LYS D O   1 
ATOM   748 C CB  . LYS D 1 19 ? -2.981  -9.646  -1.848  1.00 17.24 ? 18  LYS D CB  1 
ATOM   749 C CG  . LYS D 1 19 ? -1.993  -10.788 -1.750  1.00 22.97 ? 18  LYS D CG  1 
ATOM   750 C CD  . LYS D 1 19 ? -1.522  -10.978 -0.319  1.00 27.45 ? 18  LYS D CD  1 
ATOM   751 C CE  . LYS D 1 19 ? -0.529  -12.133 -0.189  1.00 29.06 ? 18  LYS D CE  1 
ATOM   752 N NZ  . LYS D 1 19 ? -1.181  -13.462 -0.346  1.00 30.93 ? 18  LYS D NZ  1 
ATOM   753 N N   . LEU D 1 20 ? -5.088  -10.423 -4.027  1.00 13.17 ? 19  LEU D N   1 
ATOM   754 C CA  . LEU D 1 20 ? -5.758  -11.413 -4.859  1.00 11.82 ? 19  LEU D CA  1 
ATOM   755 C C   . LEU D 1 20 ? -5.612  -11.018 -6.331  1.00 12.41 ? 19  LEU D C   1 
ATOM   756 O O   . LEU D 1 20 ? -5.348  -11.863 -7.181  1.00 12.11 ? 19  LEU D O   1 
ATOM   757 C CB  . LEU D 1 20 ? -7.240  -11.526 -4.472  1.00 8.85  ? 19  LEU D CB  1 
ATOM   758 C CG  . LEU D 1 20 ? -7.548  -12.320 -3.193  1.00 7.68  ? 19  LEU D CG  1 
ATOM   759 C CD1 . LEU D 1 20 ? -8.910  -11.937 -2.657  1.00 7.40  ? 19  LEU D CD1 1 
ATOM   760 C CD2 . LEU D 1 20 ? -7.482  -13.815 -3.472  1.00 6.24  ? 19  LEU D CD2 1 
ATOM   761 N N   . GLU D 1 21 ? -5.770  -9.731  -6.631  1.00 14.01 ? 20  GLU D N   1 
ATOM   762 C CA  . GLU D 1 21 ? -5.636  -9.262  -8.012  1.00 14.49 ? 20  GLU D CA  1 
ATOM   763 C C   . GLU D 1 21 ? -4.219  -9.501  -8.517  1.00 14.71 ? 20  GLU D C   1 
ATOM   764 O O   . GLU D 1 21 ? -4.007  -9.802  -9.692  1.00 13.42 ? 20  GLU D O   1 
ATOM   765 C CB  . GLU D 1 21 ? -5.964  -7.774  -8.109  1.00 14.12 ? 20  GLU D CB  1 
ATOM   766 C CG  . GLU D 1 21 ? -7.385  -7.430  -7.697  1.00 17.43 ? 20  GLU D CG  1 
ATOM   767 C CD  . GLU D 1 21 ? -7.697  -5.956  -7.873  1.00 16.89 ? 20  GLU D CD  1 
ATOM   768 O OE1 . GLU D 1 21 ? -6.832  -5.125  -7.530  1.00 16.93 ? 20  GLU D OE1 1 
ATOM   769 O OE2 . GLU D 1 21 ? -8.807  -5.633  -8.338  1.00 16.38 ? 20  GLU D OE2 1 
ATOM   770 N N   . GLY D 1 22 ? -3.253  -9.366  -7.613  1.00 14.23 ? 21  GLY D N   1 
ATOM   771 C CA  . GLY D 1 22 ? -1.865  -9.570  -7.975  1.00 14.26 ? 21  GLY D CA  1 
ATOM   772 C C   . GLY D 1 22 ? -1.564  -11.021 -8.296  1.00 14.71 ? 21  GLY D C   1 
ATOM   773 O O   . GLY D 1 22 ? -0.881  -11.317 -9.274  1.00 13.13 ? 21  GLY D O   1 
ATOM   774 N N   . GLU D 1 23 ? -2.081  -11.930 -7.473  1.00 15.13 ? 22  GLU D N   1 
ATOM   775 C CA  . GLU D 1 23 ? -1.858  -13.355 -7.675  1.00 15.41 ? 22  GLU D CA  1 
ATOM   776 C C   . GLU D 1 23 ? -2.596  -13.889 -8.897  1.00 15.55 ? 22  GLU D C   1 
ATOM   777 O O   . GLU D 1 23 ? -2.010  -14.592 -9.722  1.00 16.79 ? 22  GLU D O   1 
ATOM   778 C CB  . GLU D 1 23 ? -2.285  -14.146 -6.432  1.00 15.65 ? 22  GLU D CB  1 
ATOM   779 C CG  . GLU D 1 23 ? -1.421  -13.888 -5.195  1.00 17.48 ? 22  GLU D CG  1 
ATOM   780 C CD  . GLU D 1 23 ? -1.600  -14.948 -4.117  1.00 15.38 ? 22  GLU D CD  1 
ATOM   781 O OE1 . GLU D 1 23 ? -1.412  -16.142 -4.424  1.00 17.84 ? 22  GLU D OE1 1 
ATOM   782 O OE2 . GLU D 1 23 ? -1.919  -14.595 -2.965  1.00 14.23 ? 22  GLU D OE2 1 
ATOM   783 N N   . VAL D 1 24 ? -3.880  -13.556 -9.003  1.00 13.75 ? 23  VAL D N   1 
ATOM   784 C CA  . VAL D 1 24 ? -4.719  -13.997 -10.112 1.00 13.81 ? 23  VAL D CA  1 
ATOM   785 C C   . VAL D 1 24 ? -4.188  -13.545 -11.461 1.00 14.70 ? 23  VAL D C   1 
ATOM   786 O O   . VAL D 1 24 ? -4.336  -14.247 -12.454 1.00 17.39 ? 23  VAL D O   1 
ATOM   787 C CB  . VAL D 1 24 ? -6.165  -13.473 -9.950  1.00 12.73 ? 23  VAL D CB  1 
ATOM   788 C CG1 . VAL D 1 24 ? -6.982  -13.719 -11.222 1.00 9.34  ? 23  VAL D CG1 1 
ATOM   789 C CG2 . VAL D 1 24 ? -6.810  -14.147 -8.758  1.00 12.13 ? 23  VAL D CG2 1 
ATOM   790 N N   . ALA D 1 25 ? -3.573  -12.369 -11.495 1.00 14.76 ? 24  ALA D N   1 
ATOM   791 C CA  . ALA D 1 25 ? -3.026  -11.829 -12.734 1.00 13.71 ? 24  ALA D CA  1 
ATOM   792 C C   . ALA D 1 25 ? -1.852  -12.656 -13.242 1.00 14.51 ? 24  ALA D C   1 
ATOM   793 O O   . ALA D 1 25 ? -1.557  -12.639 -14.434 1.00 15.49 ? 24  ALA D O   1 
ATOM   794 C CB  . ALA D 1 25 ? -2.596  -10.391 -12.527 1.00 11.50 ? 24  ALA D CB  1 
ATOM   795 N N   . ARG D 1 26 ? -1.180  -13.374 -12.340 1.00 13.85 ? 25  ARG D N   1 
ATOM   796 C CA  . ARG D 1 26 ? -0.046  -14.214 -12.721 1.00 15.39 ? 25  ARG D CA  1 
ATOM   797 C C   . ARG D 1 26 ? -0.504  -15.569 -13.253 1.00 14.72 ? 25  ARG D C   1 
ATOM   798 O O   . ARG D 1 26 ? 0.160   -16.161 -14.101 1.00 15.58 ? 25  ARG D O   1 
ATOM   799 C CB  . ARG D 1 26 ? 0.889   -14.450 -11.528 1.00 15.28 ? 25  ARG D CB  1 
ATOM   800 C CG  . ARG D 1 26 ? 1.540   -13.202 -10.966 1.00 20.89 ? 25  ARG D CG  1 
ATOM   801 C CD  . ARG D 1 26 ? 2.408   -12.477 -11.991 1.00 21.90 ? 25  ARG D CD  1 
ATOM   802 N NE  . ARG D 1 26 ? 3.501   -13.304 -12.494 1.00 26.01 ? 25  ARG D NE  1 
ATOM   803 C CZ  . ARG D 1 26 ? 4.454   -12.861 -13.315 1.00 29.06 ? 25  ARG D CZ  1 
ATOM   804 N NH1 . ARG D 1 26 ? 4.444   -11.597 -13.719 1.00 28.37 ? 25  ARG D NH1 1 
ATOM   805 N NH2 . ARG D 1 26 ? 5.411   -13.680 -13.742 1.00 26.95 ? 25  ARG D NH2 1 
ATOM   806 N N   . LEU D 1 27 ? -1.635  -16.054 -12.737 1.00 13.81 ? 26  LEU D N   1 
ATOM   807 C CA  . LEU D 1 27 ? -2.198  -17.346 -13.128 1.00 11.77 ? 26  LEU D CA  1 
ATOM   808 C C   . LEU D 1 27 ? -2.900  -17.312 -14.488 1.00 12.68 ? 26  LEU D C   1 
ATOM   809 O O   . LEU D 1 27 ? -2.861  -18.285 -15.245 1.00 13.22 ? 26  LEU D O   1 
ATOM   810 C CB  . LEU D 1 27 ? -3.184  -17.819 -12.059 1.00 11.72 ? 26  LEU D CB  1 
ATOM   811 C CG  . LEU D 1 27 ? -2.593  -18.063 -10.668 1.00 13.24 ? 26  LEU D CG  1 
ATOM   812 C CD1 . LEU D 1 27 ? -3.707  -18.337 -9.665  1.00 12.05 ? 26  LEU D CD1 1 
ATOM   813 C CD2 . LEU D 1 27 ? -1.621  -19.221 -10.722 1.00 12.02 ? 26  LEU D CD2 1 
HETATM 814 N N   . NH2 D 1 28 ? -3.539  -16.197 -14.811 1.00 10.87 ? 27  NH2 D N   1 
HETATM 815 O O   . HOH E 2 .  ? 0.344   -2.214  -7.706  1.00 18.43 ? 101 HOH A O   1 
HETATM 816 O O   . HOH E 2 .  ? 8.005   10.462  9.129   1.00 24.50 ? 102 HOH A O   1 
HETATM 817 O O   . HOH E 2 .  ? -2.406  7.144   -3.979  1.00 19.30 ? 103 HOH A O   1 
HETATM 818 O O   . HOH E 2 .  ? 4.928   -8.001  -13.969 1.00 19.26 ? 104 HOH A O   1 
HETATM 819 O O   . HOH E 2 .  ? 4.093   -3.414  -11.617 1.00 29.40 ? 105 HOH A O   1 
HETATM 820 O O   . HOH E 2 .  ? 1.619   -3.478  -9.848  1.00 20.15 ? 106 HOH A O   1 
HETATM 821 O O   . HOH E 2 .  ? 15.608  -3.466  -5.524  1.00 19.76 ? 107 HOH A O   1 
HETATM 822 O O   . HOH E 2 .  ? 2.104   12.471  11.605  1.00 28.25 ? 108 HOH A O   1 
HETATM 823 O O   . HOH E 2 .  ? -0.980  5.648   -5.542  1.00 33.17 ? 109 HOH A O   1 
HETATM 824 O O   . HOH F 2 .  ? 10.786  1.105   -3.318  1.00 8.32  ? 101 HOH B O   1 
HETATM 825 O O   . HOH F 2 .  ? 12.544  -0.961  -4.814  1.00 14.84 ? 102 HOH B O   1 
HETATM 826 O O   . HOH F 2 .  ? 13.876  -3.560  -3.684  1.00 23.36 ? 103 HOH B O   1 
HETATM 827 O O   . HOH F 2 .  ? -2.858  5.965   15.349  1.00 21.33 ? 104 HOH B O   1 
HETATM 828 O O   . HOH F 2 .  ? -2.034  -1.501  4.185   1.00 27.85 ? 105 HOH B O   1 
HETATM 829 O O   . HOH F 2 .  ? 5.634   -9.083  0.585   1.00 23.46 ? 106 HOH B O   1 
HETATM 830 O O   . HOH F 2 .  ? 17.780  -9.432  -11.777 1.00 15.25 ? 107 HOH B O   1 
HETATM 831 O O   . HOH F 2 .  ? 0.545   9.122   16.488  1.00 28.59 ? 108 HOH B O   1 
HETATM 832 O O   . HOH F 2 .  ? 2.363   7.560   15.986  1.00 31.89 ? 109 HOH B O   1 
HETATM 833 O O   . HOH F 2 .  ? 6.287   -13.007 -1.319  1.00 18.24 ? 110 HOH B O   1 
HETATM 834 O O   . HOH F 2 .  ? 19.799  -12.027 -5.522  1.00 26.62 ? 111 HOH B O   1 
HETATM 835 O O   . HOH G 2 .  ? 1.774   -9.624  -13.951 1.00 33.17 ? 101 HOH C O   1 
HETATM 836 O O   . HOH G 2 .  ? -2.095  10.313  -6.002  1.00 39.09 ? 102 HOH C O   1 
HETATM 837 O O   . HOH G 2 .  ? -11.154 10.349  1.628   1.00 11.70 ? 103 HOH C O   1 
HETATM 838 O O   . HOH G 2 .  ? 4.280   -11.071 -1.211  1.00 19.71 ? 104 HOH C O   1 
HETATM 839 O O   . HOH G 2 .  ? 4.212   -19.685 -8.510  1.00 12.63 ? 105 HOH C O   1 
HETATM 840 O O   . HOH G 2 .  ? 1.670   -20.431 -8.927  1.00 16.00 ? 106 HOH C O   1 
HETATM 841 O O   . HOH G 2 .  ? 0.623   -22.542 -7.954  1.00 6.81  ? 107 HOH C O   1 
HETATM 842 O O   . HOH G 2 .  ? -0.280  -21.242 -4.286  1.00 23.41 ? 108 HOH C O   1 
HETATM 843 O O   . HOH G 2 .  ? 3.054   -5.746  -12.571 1.00 14.06 ? 109 HOH C O   1 
HETATM 844 O O   . HOH G 2 .  ? -4.585  8.913   -5.260  1.00 31.80 ? 110 HOH C O   1 
HETATM 845 O O   . HOH G 2 .  ? 4.744   -6.813  1.878   1.00 10.64 ? 111 HOH C O   1 
HETATM 846 O O   . HOH G 2 .  ? 4.019   -20.436 -5.885  1.00 17.19 ? 112 HOH C O   1 
HETATM 847 O O   . HOH G 2 .  ? -12.313 9.779   3.936   1.00 24.42 ? 113 HOH C O   1 
HETATM 848 O O   . HOH G 2 .  ? -14.365 8.090   4.132   1.00 11.84 ? 114 HOH C O   1 
HETATM 849 O O   . HOH G 2 .  ? -10.413 7.434   1.224   1.00 26.74 ? 115 HOH C O   1 
HETATM 850 O O   . HOH G 2 .  ? -10.063 3.678   -3.992  1.00 43.76 ? 116 HOH C O   1 
HETATM 851 O O   . HOH G 2 .  ? -8.644  6.047   -2.853  1.00 18.44 ? 117 HOH C O   1 
HETATM 852 O O   . HOH G 2 .  ? 1.913   -22.300 -5.283  1.00 22.71 ? 118 HOH C O   1 
HETATM 853 O O   . HOH H 2 .  ? -13.994 -5.180  12.584  1.00 21.15 ? 101 HOH D O   1 
HETATM 854 O O   . HOH H 2 .  ? -12.038 1.038   -3.350  1.00 26.59 ? 102 HOH D O   1 
HETATM 855 O O   . HOH H 2 .  ? -4.416  -13.754 -1.845  1.00 18.19 ? 103 HOH D O   1 
HETATM 856 O O   . HOH H 2 .  ? -5.130  -16.521 -1.226  1.00 32.60 ? 104 HOH D O   1 
HETATM 857 O O   . HOH H 2 .  ? -2.392  -17.260 -1.918  1.00 17.99 ? 105 HOH D O   1 
HETATM 858 O O   . HOH H 2 .  ? -10.133 4.094   10.732  1.00 17.49 ? 106 HOH D O   1 
HETATM 859 O O   . HOH H 2 .  ? -11.006 6.495   10.071  1.00 14.41 ? 107 HOH D O   1 
HETATM 860 O O   . HOH H 2 .  ? -12.285 4.195   -4.713  1.00 19.11 ? 108 HOH D O   1 
HETATM 861 O O   . HOH H 2 .  ? -5.561  -11.306 -0.164  1.00 12.59 ? 109 HOH D O   1 
HETATM 862 O O   . HOH H 2 .  ? -11.136 7.476   7.871   1.00 25.91 ? 110 HOH D O   1 
# 
